data_3HW6
#
_entry.id   3HW6
#
_cell.length_a   51.504
_cell.length_b   60.211
_cell.length_c   67.215
_cell.angle_alpha   96.06
_cell.angle_beta   96.49
_cell.angle_gamma   109.66
#
_symmetry.space_group_name_H-M   'P 1'
#
loop_
_entity.id
_entity.type
_entity.pdbx_description
1 polymer 'Polymerase acidic protein'
2 non-polymer 'MANGANESE (II) ION'
3 water water
#
_entity_poly.entity_id   1
_entity_poly.type   'polypeptide(L)'
_entity_poly.pdbx_seq_one_letter_code
;GPLGSMEDFVRQCFNPMIVELAEKAMKEYGEDPKIETNKFAAICTHLEVCFMYSDFHFIDERGESTIIESGDPNALLKHR
FEIIEGRDRTMAWTVVNSICNTTGVEKPKFLPDLYDYKENRFIEIGVTRREVHTYYLEKANKIKSEKTHIHIFSFTGEEM
ATKADYTLDEESRARIKTRLFTIRQEMASRGLWDSFRQSERGEETIEERFEITGTMCRLADQSLPPNFSSLEKFRAYVDG
FEPNGCIEGKLSQMSKEVNAR
;
_entity_poly.pdbx_strand_id   A,B,C,D
#
loop_
_chem_comp.id
_chem_comp.type
_chem_comp.name
_chem_comp.formula
MN non-polymer 'MANGANESE (II) ION' 'Mn 2'
#
# COMPACT_ATOMS: atom_id res chain seq x y z
N LEU A 3 32.73 3.63 18.19
CA LEU A 3 32.21 3.29 16.83
C LEU A 3 30.73 2.98 16.89
N GLY A 4 29.92 3.85 16.30
CA GLY A 4 28.46 3.76 16.39
C GLY A 4 27.80 2.79 15.42
N SER A 5 26.46 2.74 15.49
CA SER A 5 25.62 1.93 14.60
C SER A 5 25.07 2.72 13.42
N MET A 6 25.43 2.33 12.20
CA MET A 6 25.03 3.09 11.00
C MET A 6 23.55 2.95 10.81
N GLU A 7 23.04 1.77 11.04
CA GLU A 7 21.62 1.59 10.92
C GLU A 7 20.95 2.48 11.92
N ASP A 8 21.60 2.79 13.04
CA ASP A 8 21.05 3.83 13.94
C ASP A 8 21.03 5.18 13.20
N PHE A 9 22.21 5.78 13.06
CA PHE A 9 22.40 7.07 12.40
C PHE A 9 21.49 7.27 11.17
N VAL A 10 21.54 6.37 10.18
CA VAL A 10 20.59 6.44 9.05
C VAL A 10 19.16 6.69 9.51
N ARG A 11 18.65 5.80 10.34
CA ARG A 11 17.26 5.87 10.82
C ARG A 11 16.95 7.17 11.54
N GLN A 12 17.90 7.68 12.34
CA GLN A 12 17.72 8.92 13.14
C GLN A 12 18.47 10.13 12.56
N CYS A 13 18.69 10.17 11.26
CA CYS A 13 19.40 11.29 10.64
C CYS A 13 19.02 11.54 9.18
N PHE A 14 18.11 10.70 8.68
CA PHE A 14 17.47 10.99 7.42
C PHE A 14 15.95 11.16 7.65
N ASN A 15 15.25 11.56 6.59
CA ASN A 15 13.78 11.56 6.56
C ASN A 15 13.16 10.18 6.60
N PRO A 16 12.18 9.98 7.50
CA PRO A 16 11.36 8.75 7.51
C PRO A 16 11.06 8.26 6.10
N MET A 17 10.38 9.10 5.33
CA MET A 17 10.23 9.00 3.87
C MET A 17 11.45 8.37 3.22
N ILE A 18 12.60 9.01 3.43
CA ILE A 18 13.84 8.69 2.74
C ILE A 18 14.39 7.36 3.16
N VAL A 19 14.38 7.09 4.47
CA VAL A 19 14.81 5.76 5.01
C VAL A 19 13.98 4.63 4.38
N GLU A 20 12.65 4.79 4.33
CA GLU A 20 11.77 3.70 3.93
C GLU A 20 11.56 3.53 2.41
N LEU A 21 11.83 4.58 1.64
CA LEU A 21 11.94 4.43 0.20
C LEU A 21 13.20 3.61 -0.10
N ALA A 22 14.25 3.88 0.66
CA ALA A 22 15.55 3.23 0.46
C ALA A 22 15.63 1.88 1.18
N GLU A 23 14.95 1.77 2.29
CA GLU A 23 14.75 0.48 2.87
C GLU A 23 14.08 -0.36 1.79
N LYS A 24 13.02 0.18 1.23
CA LYS A 24 12.23 -0.58 0.26
C LYS A 24 12.94 -0.80 -1.09
N ALA A 25 13.77 0.15 -1.49
CA ALA A 25 14.59 0.00 -2.68
C ALA A 25 15.60 -1.14 -2.56
N MET A 26 15.96 -1.48 -1.31
CA MET A 26 17.05 -2.40 -1.02
C MET A 26 16.49 -3.80 -0.96
N LYS A 27 15.38 -3.93 -0.23
CA LYS A 27 14.69 -5.20 -0.05
C LYS A 27 14.37 -5.85 -1.39
N GLU A 28 14.00 -5.03 -2.37
CA GLU A 28 13.75 -5.44 -3.77
C GLU A 28 14.92 -6.14 -4.52
N TYR A 29 16.17 -5.92 -4.07
CA TYR A 29 17.34 -6.71 -4.57
C TYR A 29 17.87 -7.68 -3.53
N GLY A 30 17.13 -7.80 -2.42
CA GLY A 30 17.48 -8.75 -1.38
C GLY A 30 18.84 -8.36 -0.85
N GLU A 31 18.86 -7.16 -0.29
CA GLU A 31 19.97 -6.64 0.43
C GLU A 31 19.31 -6.18 1.70
N ASP A 32 19.85 -6.61 2.84
CA ASP A 32 19.29 -6.22 4.12
C ASP A 32 19.88 -4.88 4.52
N PRO A 33 19.03 -3.93 4.95
CA PRO A 33 19.49 -2.66 5.53
C PRO A 33 20.27 -2.82 6.88
N LYS A 34 20.21 -4.00 7.48
CA LYS A 34 20.73 -4.21 8.84
C LYS A 34 22.13 -4.72 8.68
N ILE A 35 22.34 -5.45 7.60
CA ILE A 35 23.67 -5.93 7.24
C ILE A 35 24.40 -4.87 6.38
N GLU A 36 23.74 -4.44 5.29
CA GLU A 36 24.37 -3.58 4.27
C GLU A 36 24.18 -2.11 4.58
N THR A 37 24.76 -1.69 5.71
CA THR A 37 24.39 -0.45 6.36
C THR A 37 25.09 0.72 5.74
N ASN A 38 26.28 0.50 5.20
CA ASN A 38 27.01 1.60 4.52
C ASN A 38 26.30 1.89 3.23
N LYS A 39 25.95 0.84 2.47
CA LYS A 39 25.15 1.04 1.25
C LYS A 39 23.79 1.56 1.57
N PHE A 40 23.26 1.16 2.72
CA PHE A 40 21.97 1.70 3.21
C PHE A 40 22.00 3.23 3.27
N ALA A 41 22.93 3.79 4.04
CA ALA A 41 23.14 5.24 4.08
C ALA A 41 23.35 5.86 2.71
N ALA A 42 24.27 5.31 1.92
CA ALA A 42 24.52 5.83 0.56
C ALA A 42 23.24 6.00 -0.30
N ILE A 43 22.41 4.97 -0.28
CA ILE A 43 21.13 5.01 -0.96
C ILE A 43 20.31 6.19 -0.43
N CYS A 44 20.09 6.25 0.90
CA CYS A 44 19.40 7.39 1.57
C CYS A 44 19.92 8.79 1.20
N THR A 45 21.25 8.93 1.20
CA THR A 45 21.90 10.17 0.80
C THR A 45 21.59 10.44 -0.68
N HIS A 46 21.95 9.50 -1.58
CA HIS A 46 21.69 9.68 -3.04
C HIS A 46 20.29 10.11 -3.36
N LEU A 47 19.38 9.58 -2.58
CA LEU A 47 17.98 9.83 -2.73
C LEU A 47 17.76 11.24 -2.29
N GLU A 48 18.26 11.61 -1.08
CA GLU A 48 18.00 12.92 -0.43
C GLU A 48 18.39 13.99 -1.37
N VAL A 49 19.52 13.79 -2.06
CA VAL A 49 20.05 14.75 -3.07
C VAL A 49 19.14 14.96 -4.28
N CYS A 50 18.64 13.86 -4.84
CA CYS A 50 17.73 13.88 -5.98
C CYS A 50 16.50 14.74 -5.62
N PHE A 51 16.05 14.62 -4.37
CA PHE A 51 14.89 15.34 -3.85
C PHE A 51 15.23 16.77 -3.50
N MET A 52 16.51 17.17 -3.64
CA MET A 52 16.91 18.56 -3.40
C MET A 52 17.23 19.18 -4.75
N TYR A 53 17.50 18.35 -5.74
CA TYR A 53 17.69 18.83 -7.11
C TYR A 53 16.33 19.21 -7.76
N SER A 54 15.22 18.81 -7.15
CA SER A 54 13.89 19.29 -7.53
C SER A 54 13.58 20.72 -7.05
N ARG A 80 8.80 21.78 -13.00
CA ARG A 80 9.97 21.76 -13.88
C ARG A 80 10.64 20.40 -13.91
N PHE A 81 10.85 19.86 -12.71
CA PHE A 81 11.46 18.55 -12.53
C PHE A 81 10.41 17.50 -12.15
N GLU A 82 10.32 16.43 -12.94
CA GLU A 82 9.59 15.24 -12.46
C GLU A 82 10.55 14.29 -11.73
N ILE A 83 10.09 13.67 -10.65
CA ILE A 83 10.94 12.72 -9.90
C ILE A 83 10.72 11.27 -10.37
N ILE A 84 11.81 10.52 -10.51
CA ILE A 84 11.71 9.09 -10.92
C ILE A 84 12.26 8.16 -9.82
N GLU A 85 13.37 8.59 -9.22
CA GLU A 85 13.98 7.80 -8.18
C GLU A 85 12.98 7.83 -7.05
N GLY A 86 12.93 6.80 -6.23
CA GLY A 86 11.92 6.76 -5.16
C GLY A 86 10.64 5.96 -5.41
N ARG A 87 10.12 6.07 -6.65
CA ARG A 87 8.93 5.29 -7.07
C ARG A 87 9.28 3.82 -7.23
N ASP A 88 8.26 2.96 -7.08
CA ASP A 88 8.32 1.55 -7.50
C ASP A 88 8.55 1.51 -8.98
N ARG A 89 9.17 0.43 -9.47
CA ARG A 89 9.67 0.37 -10.86
C ARG A 89 8.54 0.46 -11.94
N THR A 90 7.42 -0.15 -11.59
CA THR A 90 6.17 -0.06 -12.31
C THR A 90 5.74 1.40 -12.46
N MET A 91 5.77 2.11 -11.34
CA MET A 91 5.40 3.51 -11.32
C MET A 91 6.37 4.42 -12.01
N ALA A 92 7.65 4.05 -11.92
CA ALA A 92 8.72 4.84 -12.52
C ALA A 92 8.62 4.71 -14.03
N TRP A 93 8.63 3.48 -14.51
CA TRP A 93 8.53 3.22 -15.96
C TRP A 93 7.33 3.82 -16.65
N THR A 94 6.17 3.82 -15.99
CA THR A 94 5.00 4.52 -16.51
C THR A 94 5.28 6.02 -16.58
N VAL A 95 5.83 6.57 -15.50
CA VAL A 95 6.14 8.01 -15.45
C VAL A 95 7.01 8.33 -16.63
N VAL A 96 8.08 7.55 -16.79
CA VAL A 96 8.97 7.82 -17.90
C VAL A 96 8.14 7.87 -19.19
N ASN A 97 7.36 6.81 -19.47
CA ASN A 97 6.59 6.67 -20.74
C ASN A 97 5.58 7.75 -21.16
N SER A 98 4.75 8.23 -20.23
CA SER A 98 3.85 9.36 -20.58
C SER A 98 4.65 10.59 -21.04
N ILE A 99 5.73 10.93 -20.34
CA ILE A 99 6.64 11.97 -20.78
C ILE A 99 7.17 11.63 -22.14
N CYS A 100 7.78 10.45 -22.26
CA CYS A 100 8.38 10.01 -23.54
C CYS A 100 7.36 9.95 -24.66
N ASN A 101 6.10 9.72 -24.32
CA ASN A 101 5.07 9.72 -25.34
C ASN A 101 4.61 11.11 -25.66
N THR A 102 4.60 12.01 -24.66
CA THR A 102 4.08 13.37 -24.82
C THR A 102 5.10 14.31 -25.43
N THR A 103 6.31 14.30 -24.89
CA THR A 103 7.45 14.87 -25.60
C THR A 103 7.91 13.80 -26.58
N GLY A 104 8.65 14.16 -27.61
CA GLY A 104 9.09 13.11 -28.56
C GLY A 104 10.45 12.51 -28.25
N VAL A 105 10.77 12.53 -26.94
CA VAL A 105 12.10 12.28 -26.40
C VAL A 105 12.44 10.79 -26.46
N GLU A 106 13.71 10.46 -26.74
CA GLU A 106 14.12 9.07 -26.75
C GLU A 106 13.94 8.40 -25.38
N LYS A 107 13.58 7.14 -25.43
CA LYS A 107 13.36 6.36 -24.25
C LYS A 107 14.71 5.98 -23.64
N PRO A 108 14.86 6.15 -22.32
CA PRO A 108 16.17 5.79 -21.85
C PRO A 108 16.07 4.30 -21.65
N LYS A 109 17.19 3.61 -21.78
CA LYS A 109 17.18 2.18 -21.56
C LYS A 109 17.03 1.86 -20.05
N PHE A 110 17.61 2.72 -19.20
CA PHE A 110 17.83 2.29 -17.84
C PHE A 110 16.82 2.82 -16.81
N LEU A 111 16.93 4.10 -16.51
CA LEU A 111 16.05 4.82 -15.60
C LEU A 111 16.90 5.97 -15.07
N PRO A 112 16.57 7.20 -15.51
CA PRO A 112 17.19 8.39 -14.98
C PRO A 112 16.67 8.62 -13.55
N ASP A 113 17.07 9.72 -12.93
CA ASP A 113 16.59 10.07 -11.60
C ASP A 113 15.49 11.11 -11.79
N LEU A 114 15.71 12.02 -12.72
CA LEU A 114 14.77 13.11 -12.92
C LEU A 114 14.53 13.40 -14.39
N TYR A 115 13.48 14.19 -14.62
CA TYR A 115 13.27 14.83 -15.91
C TYR A 115 13.12 16.30 -15.66
N ASP A 116 13.51 17.10 -16.67
CA ASP A 116 13.63 18.55 -16.60
C ASP A 116 12.77 19.09 -17.72
N TYR A 117 11.67 19.73 -17.39
CA TYR A 117 10.78 20.20 -18.45
C TYR A 117 11.37 21.39 -19.24
N LYS A 118 12.15 22.25 -18.56
CA LYS A 118 12.81 23.39 -19.21
C LYS A 118 13.84 23.00 -20.30
N GLU A 119 14.69 22.01 -20.02
CA GLU A 119 15.69 21.58 -21.00
C GLU A 119 15.23 20.32 -21.73
N ASN A 120 13.97 19.95 -21.49
CA ASN A 120 13.37 18.75 -22.09
C ASN A 120 14.25 17.53 -22.13
N ARG A 121 14.95 17.27 -21.02
CA ARG A 121 15.86 16.10 -20.90
C ARG A 121 15.74 15.35 -19.57
N PHE A 122 16.09 14.06 -19.61
CA PHE A 122 16.29 13.24 -18.41
C PHE A 122 17.68 13.48 -17.84
N ILE A 123 17.72 13.47 -16.51
CA ILE A 123 18.97 13.68 -15.77
C ILE A 123 19.28 12.49 -14.86
N GLU A 124 20.51 11.95 -14.98
CA GLU A 124 21.07 10.89 -14.10
C GLU A 124 21.98 11.40 -12.96
N ILE A 125 21.51 11.31 -11.73
CA ILE A 125 22.24 11.91 -10.60
C ILE A 125 23.14 10.89 -9.90
N GLY A 126 24.34 11.36 -9.53
CA GLY A 126 25.40 10.54 -8.98
C GLY A 126 26.00 11.31 -7.81
N VAL A 127 26.21 10.59 -6.71
CA VAL A 127 26.81 11.15 -5.51
C VAL A 127 27.90 10.14 -5.13
N THR A 128 29.16 10.54 -5.22
CA THR A 128 30.24 9.62 -4.96
C THR A 128 31.20 10.05 -3.86
N ARG A 129 31.76 9.05 -3.20
CA ARG A 129 32.82 9.20 -2.22
C ARG A 129 34.15 8.76 -2.88
N ARG A 130 34.23 8.87 -4.22
CA ARG A 130 35.46 8.55 -4.96
C ARG A 130 35.89 9.73 -5.79
N GLU A 131 36.51 9.43 -6.92
CA GLU A 131 36.90 10.42 -7.94
C GLU A 131 35.66 10.89 -8.70
N VAL A 132 35.51 12.21 -8.89
CA VAL A 132 34.39 12.65 -9.72
C VAL A 132 34.50 12.09 -11.15
N HIS A 133 35.66 12.24 -11.78
CA HIS A 133 35.87 11.83 -13.17
C HIS A 133 35.63 10.33 -13.42
N THR A 134 36.06 9.48 -12.50
CA THR A 134 35.85 8.07 -12.62
C THR A 134 34.37 7.79 -12.58
N TYR A 135 33.68 8.33 -11.58
CA TYR A 135 32.25 8.05 -11.40
C TYR A 135 31.44 8.56 -12.59
N TYR A 136 31.77 9.75 -13.09
CA TYR A 136 31.11 10.26 -14.29
C TYR A 136 31.16 9.31 -15.48
N LEU A 137 32.34 9.03 -16.00
CA LEU A 137 32.50 8.07 -17.09
C LEU A 137 31.88 6.71 -16.83
N GLU A 138 31.90 6.26 -15.60
CA GLU A 138 31.18 5.02 -15.32
C GLU A 138 29.69 5.21 -15.62
N LYS A 139 29.15 6.37 -15.23
CA LYS A 139 27.73 6.66 -15.43
C LYS A 139 27.40 6.82 -16.91
N ALA A 140 28.02 7.79 -17.57
CA ALA A 140 27.91 7.94 -18.99
C ALA A 140 28.03 6.64 -19.82
N ASN A 141 28.99 5.75 -19.53
CA ASN A 141 29.20 4.52 -20.32
C ASN A 141 28.18 3.37 -20.10
N LYS A 142 27.60 3.34 -18.91
CA LYS A 142 26.47 2.52 -18.58
C LYS A 142 25.31 2.89 -19.50
N ILE A 143 24.82 4.12 -19.38
CA ILE A 143 23.49 4.45 -19.88
C ILE A 143 23.40 4.72 -21.40
N LYS A 144 24.55 4.81 -22.08
CA LYS A 144 24.53 5.03 -23.53
C LYS A 144 23.50 6.15 -23.92
N SER A 145 23.55 7.15 -23.06
CA SER A 145 22.89 8.43 -23.19
C SER A 145 23.36 9.15 -24.44
N GLU A 146 22.44 9.87 -25.04
CA GLU A 146 22.78 10.83 -26.07
C GLU A 146 22.27 12.08 -25.37
N LYS A 147 21.13 11.92 -24.72
CA LYS A 147 20.38 13.06 -24.27
C LYS A 147 20.27 13.11 -22.77
N THR A 148 20.53 11.97 -22.12
CA THR A 148 20.45 11.99 -20.66
C THR A 148 21.62 12.80 -20.10
N HIS A 149 21.29 13.77 -19.25
CA HIS A 149 22.29 14.66 -18.68
C HIS A 149 22.72 14.09 -17.38
N ILE A 150 24.00 14.28 -17.03
CA ILE A 150 24.62 13.64 -15.85
C ILE A 150 25.26 14.65 -14.86
N HIS A 151 24.65 14.83 -13.69
CA HIS A 151 25.26 15.68 -12.68
C HIS A 151 25.86 14.95 -11.44
N ILE A 152 27.16 15.04 -11.28
CA ILE A 152 27.87 14.36 -10.18
C ILE A 152 28.33 15.35 -9.09
N PHE A 153 28.00 15.01 -7.84
CA PHE A 153 28.61 15.66 -6.68
C PHE A 153 29.36 14.62 -5.87
N SER A 154 30.28 15.10 -5.04
CA SER A 154 30.98 14.29 -4.04
C SER A 154 30.92 14.95 -2.67
N PHE A 155 31.55 14.35 -1.66
CA PHE A 155 31.71 15.03 -0.36
C PHE A 155 33.00 15.86 -0.31
N THR A 156 33.20 16.76 -1.27
CA THR A 156 34.41 17.56 -1.25
C THR A 156 34.17 18.98 -1.78
N GLY A 157 32.94 19.19 -2.26
CA GLY A 157 32.62 20.23 -3.23
C GLY A 157 32.74 19.71 -4.65
N GLU A 158 33.86 19.04 -4.95
CA GLU A 158 34.08 18.48 -6.29
C GLU A 158 32.73 18.07 -6.92
N GLU A 159 32.51 18.56 -8.15
CA GLU A 159 31.38 18.14 -8.96
C GLU A 159 31.64 18.16 -10.44
N MET A 160 30.61 17.77 -11.17
CA MET A 160 30.74 17.54 -12.60
C MET A 160 29.34 17.35 -13.23
N ALA A 161 29.03 18.21 -14.19
CA ALA A 161 27.88 18.02 -15.00
C ALA A 161 28.33 17.92 -16.44
N THR A 162 27.75 16.93 -17.14
CA THR A 162 27.76 16.78 -18.60
C THR A 162 27.77 18.11 -19.33
N LYS A 163 28.79 18.34 -20.18
CA LYS A 163 28.96 19.53 -21.06
C LYS A 163 29.12 20.87 -20.34
N ALA A 164 29.57 20.84 -19.09
CA ALA A 164 29.67 22.03 -18.23
C ALA A 164 28.31 22.61 -17.99
N ASP A 165 27.29 21.80 -18.15
CA ASP A 165 25.92 22.26 -18.00
C ASP A 165 25.48 21.89 -16.58
N TYR A 166 25.51 22.90 -15.72
CA TYR A 166 25.23 22.73 -14.29
C TYR A 166 23.74 22.90 -13.94
N THR A 167 22.90 23.08 -14.94
CA THR A 167 21.43 23.06 -14.75
C THR A 167 20.96 24.03 -13.66
N LEU A 168 21.40 23.80 -12.42
CA LEU A 168 21.01 24.61 -11.28
C LEU A 168 21.94 25.80 -10.97
N ASP A 169 21.41 26.79 -10.26
CA ASP A 169 22.17 28.04 -9.96
C ASP A 169 23.19 27.90 -8.82
N GLU A 170 24.32 28.59 -8.92
CA GLU A 170 25.43 28.37 -7.97
C GLU A 170 24.91 28.20 -6.53
N GLU A 171 23.85 28.92 -6.18
CA GLU A 171 23.28 28.82 -4.82
C GLU A 171 22.69 27.43 -4.55
N SER A 172 21.80 27.02 -5.43
CA SER A 172 21.04 25.78 -5.35
C SER A 172 21.96 24.54 -5.27
N ARG A 173 22.96 24.49 -6.12
CA ARG A 173 23.94 23.47 -6.00
C ARG A 173 24.66 23.61 -4.68
N ALA A 174 24.97 24.83 -4.28
CA ALA A 174 25.75 25.05 -3.02
C ALA A 174 25.11 24.40 -1.75
N ARG A 175 23.79 24.54 -1.58
CA ARG A 175 23.01 23.89 -0.51
C ARG A 175 23.16 22.38 -0.53
N ILE A 176 23.33 21.80 -1.74
CA ILE A 176 23.51 20.33 -1.88
C ILE A 176 24.88 20.08 -1.32
N LYS A 177 25.85 20.81 -1.85
CA LYS A 177 27.23 20.73 -1.32
C LYS A 177 27.30 20.82 0.24
N THR A 178 26.57 21.76 0.85
CA THR A 178 26.68 21.99 2.29
C THR A 178 26.30 20.74 3.05
N ARG A 179 25.28 20.07 2.54
CA ARG A 179 24.60 19.00 3.29
C ARG A 179 25.30 17.67 3.23
N LEU A 180 25.94 17.38 2.09
CA LEU A 180 26.83 16.25 2.07
C LEU A 180 27.83 16.46 3.20
N PHE A 181 28.42 17.66 3.26
CA PHE A 181 29.34 18.04 4.37
C PHE A 181 28.71 17.78 5.76
N THR A 182 27.47 18.21 5.96
CA THR A 182 26.75 17.89 7.20
C THR A 182 26.43 16.39 7.35
N ILE A 183 26.52 15.61 6.28
CA ILE A 183 26.36 14.17 6.44
C ILE A 183 27.69 13.52 6.89
N ARG A 184 28.79 13.91 6.23
CA ARG A 184 30.12 13.40 6.54
C ARG A 184 30.51 13.55 8.01
N GLN A 185 30.37 14.76 8.55
CA GLN A 185 30.89 15.03 9.91
C GLN A 185 30.00 14.34 10.94
N GLU A 186 28.73 14.19 10.61
CA GLU A 186 27.78 13.62 11.56
C GLU A 186 28.00 12.11 11.63
N MET A 187 28.35 11.50 10.48
CA MET A 187 28.99 10.17 10.45
C MET A 187 30.25 10.19 11.30
N ALA A 188 31.20 11.07 11.00
CA ALA A 188 32.45 11.18 11.78
C ALA A 188 32.28 11.28 13.29
N SER A 189 31.27 12.03 13.74
CA SER A 189 30.87 12.12 15.16
C SER A 189 30.60 10.81 15.82
N ARG A 190 30.47 9.76 15.04
CA ARG A 190 30.07 8.47 15.54
C ARG A 190 31.02 7.41 15.06
N GLY A 191 32.14 7.83 14.47
CA GLY A 191 33.19 6.92 13.99
C GLY A 191 32.80 6.21 12.71
N LEU A 192 31.73 6.68 12.09
CA LEU A 192 31.13 6.02 10.92
C LEU A 192 31.68 6.49 9.57
N TRP A 193 32.11 7.77 9.52
CA TRP A 193 32.64 8.36 8.26
C TRP A 193 33.76 7.51 7.66
N ASP A 194 34.71 7.12 8.47
CA ASP A 194 35.88 6.45 7.95
C ASP A 194 35.54 5.31 6.97
N SER A 195 34.80 4.32 7.47
CA SER A 195 34.41 3.14 6.69
C SER A 195 33.59 3.48 5.47
N PHE A 196 32.52 4.24 5.67
CA PHE A 196 31.71 4.76 4.56
C PHE A 196 32.65 5.18 3.42
N ARG A 197 33.48 6.17 3.71
CA ARG A 197 34.46 6.73 2.75
C ARG A 197 35.13 5.70 1.81
N GLN A 198 35.50 4.54 2.33
CA GLN A 198 36.36 3.60 1.62
C GLN A 198 35.67 2.37 1.02
N SER A 199 34.34 2.27 1.13
CA SER A 199 33.62 1.01 0.89
C SER A 199 32.79 1.02 -0.39
N GLU A 200 32.99 2.04 -1.23
CA GLU A 200 32.29 2.21 -2.49
C GLU A 200 32.92 1.37 -3.59
N ARG A 201 32.11 0.81 -4.48
CA ARG A 201 32.65 0.19 -5.68
C ARG A 201 31.79 0.62 -6.84
N GLY A 202 31.93 -0.08 -7.98
CA GLY A 202 31.33 0.37 -9.21
C GLY A 202 30.09 -0.41 -9.52
N LEU B 3 -15.71 -6.17 -37.80
CA LEU B 3 -16.25 -6.96 -36.65
C LEU B 3 -16.59 -6.05 -35.47
N GLY B 4 -16.87 -6.69 -34.32
CA GLY B 4 -17.04 -6.01 -33.05
C GLY B 4 -15.74 -5.39 -32.51
N SER B 5 -15.87 -4.78 -31.30
CA SER B 5 -14.80 -4.07 -30.51
C SER B 5 -14.13 -4.94 -29.40
N MET B 6 -12.81 -5.19 -29.50
CA MET B 6 -12.13 -6.02 -28.47
C MET B 6 -12.13 -5.35 -27.14
N GLU B 7 -11.67 -4.09 -27.09
CA GLU B 7 -11.73 -3.31 -25.86
C GLU B 7 -13.08 -3.44 -25.20
N ASP B 8 -14.13 -3.19 -25.96
CA ASP B 8 -15.48 -3.25 -25.44
C ASP B 8 -15.77 -4.60 -24.83
N PHE B 9 -15.27 -5.68 -25.42
CA PHE B 9 -15.50 -7.00 -24.84
C PHE B 9 -14.82 -7.08 -23.45
N VAL B 10 -13.66 -6.43 -23.32
CA VAL B 10 -12.83 -6.62 -22.13
C VAL B 10 -13.47 -5.88 -20.96
N ARG B 11 -13.91 -4.69 -21.26
CA ARG B 11 -14.67 -3.97 -20.33
C ARG B 11 -15.96 -4.73 -20.14
N GLN B 12 -16.50 -5.32 -21.20
CA GLN B 12 -17.76 -6.09 -21.08
C GLN B 12 -17.52 -7.25 -20.13
N CYS B 13 -16.47 -8.01 -20.41
CA CYS B 13 -16.34 -9.37 -19.88
C CYS B 13 -15.54 -9.55 -18.58
N PHE B 14 -14.36 -8.91 -18.47
CA PHE B 14 -13.48 -9.07 -17.29
C PHE B 14 -13.80 -8.13 -16.12
N ASN B 15 -13.35 -8.50 -14.92
CA ASN B 15 -13.67 -7.85 -13.62
C ASN B 15 -13.01 -6.50 -13.42
N PRO B 16 -13.73 -5.48 -12.88
CA PRO B 16 -13.13 -4.15 -13.04
C PRO B 16 -11.78 -4.03 -12.38
N MET B 17 -11.55 -4.81 -11.33
CA MET B 17 -10.29 -4.84 -10.61
C MET B 17 -9.25 -5.38 -11.57
N ILE B 18 -9.57 -6.49 -12.23
CA ILE B 18 -8.64 -7.08 -13.18
C ILE B 18 -8.25 -6.06 -14.26
N VAL B 19 -9.26 -5.53 -14.95
CA VAL B 19 -9.07 -4.46 -15.93
C VAL B 19 -8.11 -3.36 -15.44
N GLU B 20 -8.32 -2.88 -14.21
CA GLU B 20 -7.59 -1.70 -13.69
C GLU B 20 -6.15 -2.09 -13.58
N LEU B 21 -5.94 -3.34 -13.18
CA LEU B 21 -4.59 -3.88 -13.02
C LEU B 21 -3.87 -4.04 -14.33
N ALA B 22 -4.66 -4.25 -15.39
CA ALA B 22 -4.16 -4.67 -16.68
C ALA B 22 -3.79 -3.42 -17.44
N GLU B 23 -4.55 -2.34 -17.23
CA GLU B 23 -4.13 -1.06 -17.73
C GLU B 23 -2.75 -0.75 -17.12
N LYS B 24 -2.67 -0.73 -15.78
CA LYS B 24 -1.42 -0.42 -15.06
C LYS B 24 -0.28 -1.18 -15.64
N ALA B 25 -0.55 -2.37 -16.15
CA ALA B 25 0.46 -3.24 -16.74
C ALA B 25 0.96 -2.89 -18.15
N MET B 26 0.11 -2.27 -18.97
CA MET B 26 0.52 -1.87 -20.33
C MET B 26 1.05 -0.47 -20.22
N LYS B 27 0.31 0.39 -19.50
CA LYS B 27 0.78 1.75 -19.23
C LYS B 27 2.17 1.74 -18.57
N GLU B 28 2.63 0.58 -18.11
CA GLU B 28 3.96 0.45 -17.55
C GLU B 28 4.96 0.40 -18.69
N TYR B 29 4.80 -0.58 -19.59
CA TYR B 29 5.63 -0.74 -20.80
C TYR B 29 5.25 0.17 -21.98
N GLY B 30 4.26 1.04 -21.79
CA GLY B 30 4.05 2.17 -22.70
C GLY B 30 2.96 2.01 -23.74
N GLU B 31 2.45 0.79 -23.90
CA GLU B 31 1.37 0.61 -24.86
C GLU B 31 0.04 1.12 -24.30
N ASP B 32 -0.87 1.45 -25.20
CA ASP B 32 -2.21 1.89 -24.84
C ASP B 32 -3.26 0.79 -25.11
N PRO B 33 -4.11 0.48 -24.11
CA PRO B 33 -5.20 -0.51 -24.26
C PRO B 33 -6.11 -0.38 -25.48
N LYS B 34 -6.46 0.86 -25.88
CA LYS B 34 -7.41 1.04 -27.02
C LYS B 34 -6.74 0.65 -28.34
N ILE B 35 -5.43 0.80 -28.41
CA ILE B 35 -4.65 0.46 -29.57
C ILE B 35 -4.46 -1.03 -29.44
N GLU B 36 -3.76 -1.46 -28.37
CA GLU B 36 -3.43 -2.87 -28.16
C GLU B 36 -4.52 -3.54 -27.39
N THR B 37 -5.58 -3.90 -28.12
CA THR B 37 -6.77 -4.57 -27.54
C THR B 37 -6.62 -6.10 -27.41
N ASN B 38 -5.92 -6.70 -28.36
CA ASN B 38 -5.57 -8.12 -28.28
C ASN B 38 -4.65 -8.44 -27.16
N LYS B 39 -3.54 -7.74 -27.00
CA LYS B 39 -2.76 -7.95 -25.73
C LYS B 39 -3.47 -7.49 -24.46
N PHE B 40 -4.23 -6.40 -24.57
CA PHE B 40 -5.12 -6.00 -23.48
C PHE B 40 -5.89 -7.21 -22.99
N ALA B 41 -6.58 -7.87 -23.90
CA ALA B 41 -7.39 -9.10 -23.66
C ALA B 41 -6.61 -10.25 -23.06
N ALA B 42 -5.40 -10.51 -23.58
CA ALA B 42 -4.56 -11.59 -23.12
C ALA B 42 -4.09 -11.34 -21.69
N ILE B 43 -3.82 -10.07 -21.38
CA ILE B 43 -3.35 -9.70 -20.06
C ILE B 43 -4.49 -9.90 -19.06
N CYS B 44 -5.69 -9.44 -19.37
CA CYS B 44 -6.75 -9.57 -18.39
C CYS B 44 -6.91 -11.03 -18.01
N THR B 45 -6.83 -11.90 -19.04
CA THR B 45 -6.97 -13.38 -18.91
C THR B 45 -5.85 -14.01 -18.06
N HIS B 46 -4.56 -13.91 -18.46
CA HIS B 46 -3.47 -14.47 -17.65
C HIS B 46 -3.69 -14.06 -16.22
N LEU B 47 -4.39 -12.93 -16.03
CA LEU B 47 -4.61 -12.27 -14.72
C LEU B 47 -5.90 -12.75 -14.02
N GLU B 48 -6.81 -13.36 -14.77
CA GLU B 48 -7.93 -14.03 -14.12
C GLU B 48 -7.53 -15.45 -13.67
N VAL B 49 -6.88 -16.17 -14.54
CA VAL B 49 -6.43 -17.51 -14.19
C VAL B 49 -5.69 -17.43 -12.83
N CYS B 50 -4.67 -16.57 -12.75
CA CYS B 50 -3.84 -16.38 -11.55
C CYS B 50 -4.64 -16.24 -10.26
N PHE B 51 -5.49 -15.22 -10.19
CA PHE B 51 -6.38 -15.04 -9.06
C PHE B 51 -7.39 -16.18 -8.85
N MET B 52 -7.88 -16.78 -9.92
CA MET B 52 -8.76 -17.96 -9.81
C MET B 52 -7.99 -19.16 -9.30
N TYR B 53 -6.74 -19.32 -9.73
CA TYR B 53 -5.82 -20.41 -9.32
C TYR B 53 -5.42 -20.30 -7.86
N SER B 54 -5.84 -19.23 -7.17
CA SER B 54 -5.49 -19.07 -5.73
C SER B 54 -6.64 -19.15 -4.69
N ARG B 80 -2.76 -20.38 0.77
CA ARG B 80 -1.83 -21.40 0.27
C ARG B 80 -0.88 -20.85 -0.77
N PHE B 81 -1.18 -19.67 -1.24
CA PHE B 81 -0.37 -19.06 -2.27
C PHE B 81 -0.10 -17.66 -1.84
N GLU B 82 0.96 -17.10 -2.41
CA GLU B 82 1.13 -15.71 -2.38
C GLU B 82 0.98 -15.34 -3.86
N ILE B 83 0.10 -14.37 -4.12
CA ILE B 83 -0.12 -13.82 -5.45
C ILE B 83 1.03 -12.89 -5.74
N ILE B 84 1.66 -13.10 -6.90
CA ILE B 84 2.76 -12.25 -7.37
C ILE B 84 2.35 -11.33 -8.56
N GLU B 85 1.61 -11.88 -9.53
CA GLU B 85 1.09 -11.06 -10.62
C GLU B 85 0.10 -10.17 -9.99
N GLY B 86 -0.19 -9.04 -10.61
CA GLY B 86 -1.00 -8.04 -9.94
C GLY B 86 -0.22 -6.92 -9.27
N ARG B 87 1.01 -7.18 -8.78
CA ARG B 87 1.80 -6.18 -8.01
C ARG B 87 2.74 -5.37 -8.83
N ASP B 88 3.14 -4.20 -8.30
CA ASP B 88 4.19 -3.39 -8.92
C ASP B 88 5.43 -4.17 -8.77
N ARG B 89 6.36 -4.01 -9.71
CA ARG B 89 7.55 -4.85 -9.74
C ARG B 89 8.39 -4.73 -8.48
N THR B 90 8.34 -3.58 -7.84
CA THR B 90 9.03 -3.44 -6.54
C THR B 90 8.34 -4.23 -5.40
N MET B 91 7.09 -3.86 -5.12
CA MET B 91 6.25 -4.63 -4.24
C MET B 91 6.47 -6.15 -4.47
N ALA B 92 6.37 -6.56 -5.74
CA ALA B 92 6.41 -7.97 -6.15
C ALA B 92 7.74 -8.60 -5.87
N TRP B 93 8.82 -7.85 -6.12
CA TRP B 93 10.17 -8.38 -5.90
C TRP B 93 10.44 -8.43 -4.42
N THR B 94 9.95 -7.45 -3.66
CA THR B 94 10.17 -7.51 -2.22
C THR B 94 9.47 -8.73 -1.66
N VAL B 95 8.30 -9.12 -2.21
CA VAL B 95 7.63 -10.32 -1.66
C VAL B 95 8.31 -11.61 -2.06
N VAL B 96 8.71 -11.69 -3.32
CA VAL B 96 9.51 -12.83 -3.79
C VAL B 96 10.71 -13.05 -2.90
N ASN B 97 11.32 -11.95 -2.47
CA ASN B 97 12.52 -11.94 -1.63
C ASN B 97 12.38 -12.34 -0.19
N SER B 98 11.49 -11.71 0.57
CA SER B 98 11.23 -12.16 1.95
C SER B 98 10.72 -13.60 2.08
N ILE B 99 10.74 -14.37 0.99
CA ILE B 99 10.35 -15.77 1.00
C ILE B 99 11.56 -16.59 0.63
N CYS B 100 12.43 -16.08 -0.23
CA CYS B 100 13.68 -16.81 -0.48
C CYS B 100 14.63 -16.77 0.71
N ASN B 101 14.20 -16.07 1.76
CA ASN B 101 15.04 -15.87 2.96
C ASN B 101 14.38 -16.32 4.24
N THR B 102 13.03 -16.23 4.32
CA THR B 102 12.22 -17.04 5.27
C THR B 102 12.52 -18.54 4.98
N THR B 103 11.70 -19.15 4.16
CA THR B 103 12.06 -20.44 3.62
C THR B 103 13.34 -20.22 2.82
N GLY B 104 14.28 -21.13 2.87
CA GLY B 104 15.59 -20.86 2.28
C GLY B 104 15.68 -21.08 0.77
N VAL B 105 14.65 -20.63 0.04
CA VAL B 105 14.48 -21.04 -1.35
C VAL B 105 15.42 -20.34 -2.34
N GLU B 106 15.60 -21.01 -3.47
CA GLU B 106 16.43 -20.55 -4.58
C GLU B 106 15.86 -19.29 -5.24
N LYS B 107 16.37 -18.12 -4.88
CA LYS B 107 15.90 -16.88 -5.48
C LYS B 107 15.74 -17.02 -7.02
N PRO B 108 14.51 -16.79 -7.56
CA PRO B 108 14.24 -16.97 -9.00
C PRO B 108 14.77 -15.80 -9.82
N LYS B 109 15.14 -16.08 -11.06
CA LYS B 109 15.71 -15.06 -11.94
C LYS B 109 14.68 -14.10 -12.57
N PHE B 110 13.53 -14.61 -13.01
CA PHE B 110 12.68 -13.78 -13.82
C PHE B 110 11.36 -13.23 -13.30
N LEU B 111 10.69 -13.95 -12.39
CA LEU B 111 9.48 -13.42 -11.65
C LEU B 111 8.21 -14.24 -11.89
N PRO B 112 7.95 -15.21 -10.98
CA PRO B 112 6.80 -16.11 -11.05
C PRO B 112 5.49 -15.34 -10.90
N ASP B 113 4.41 -16.08 -10.76
CA ASP B 113 3.12 -15.47 -10.72
C ASP B 113 2.54 -15.81 -9.37
N LEU B 114 2.85 -17.02 -8.88
CA LEU B 114 2.38 -17.48 -7.59
C LEU B 114 3.49 -18.08 -6.77
N TYR B 115 3.22 -18.25 -5.49
CA TYR B 115 4.05 -19.07 -4.64
C TYR B 115 3.16 -19.97 -3.83
N ASP B 116 3.52 -21.24 -3.96
CA ASP B 116 2.79 -22.32 -3.36
C ASP B 116 3.46 -22.69 -2.06
N TYR B 117 2.74 -22.41 -0.99
CA TYR B 117 3.15 -22.68 0.34
C TYR B 117 3.10 -24.18 0.70
N LYS B 118 2.11 -24.93 0.24
CA LYS B 118 2.05 -26.41 0.50
C LYS B 118 3.23 -27.12 -0.15
N GLU B 119 3.40 -26.96 -1.45
CA GLU B 119 4.56 -27.50 -2.13
C GLU B 119 5.89 -26.76 -1.89
N ASN B 120 5.79 -25.55 -1.37
CA ASN B 120 6.95 -24.70 -1.15
C ASN B 120 7.72 -24.53 -2.41
N ARG B 121 7.08 -23.86 -3.35
CA ARG B 121 7.74 -23.44 -4.59
C ARG B 121 6.92 -22.40 -5.34
N PHE B 122 7.62 -21.66 -6.21
CA PHE B 122 7.02 -20.65 -7.10
C PHE B 122 6.37 -21.26 -8.32
N ILE B 123 5.24 -20.72 -8.73
CA ILE B 123 4.68 -21.19 -9.96
C ILE B 123 4.70 -20.06 -10.96
N GLU B 124 4.94 -20.41 -12.23
CA GLU B 124 4.80 -19.47 -13.35
C GLU B 124 3.66 -19.95 -14.26
N ILE B 125 2.64 -19.10 -14.40
CA ILE B 125 1.42 -19.44 -15.13
C ILE B 125 1.44 -18.96 -16.58
N GLY B 126 1.01 -19.83 -17.50
CA GLY B 126 0.87 -19.42 -18.86
C GLY B 126 -0.54 -19.72 -19.33
N VAL B 127 -1.07 -18.80 -20.16
CA VAL B 127 -2.28 -19.04 -20.94
C VAL B 127 -2.01 -18.80 -22.43
N THR B 128 -2.22 -19.87 -23.21
CA THR B 128 -1.96 -19.92 -24.66
C THR B 128 -3.31 -20.16 -25.39
N ARG B 129 -3.58 -19.39 -26.43
CA ARG B 129 -4.70 -19.77 -27.30
C ARG B 129 -4.25 -20.69 -28.45
N ARG B 130 -2.95 -20.70 -28.74
CA ARG B 130 -2.34 -21.61 -29.71
C ARG B 130 -2.16 -23.00 -29.12
N GLU B 131 -0.91 -23.42 -29.02
CA GLU B 131 -0.54 -24.79 -28.71
C GLU B 131 0.37 -24.80 -27.50
N VAL B 132 0.24 -25.84 -26.68
CA VAL B 132 0.68 -25.74 -25.30
C VAL B 132 2.06 -26.33 -24.99
N HIS B 133 2.44 -27.44 -25.63
CA HIS B 133 3.80 -27.96 -25.47
C HIS B 133 4.82 -26.91 -25.85
N THR B 134 4.59 -26.26 -26.99
CA THR B 134 5.43 -25.15 -27.45
C THR B 134 5.55 -24.02 -26.42
N TYR B 135 4.41 -23.44 -26.03
CA TYR B 135 4.37 -22.32 -25.14
C TYR B 135 5.10 -22.69 -23.87
N TYR B 136 4.84 -23.90 -23.40
CA TYR B 136 5.48 -24.45 -22.21
C TYR B 136 6.97 -24.26 -22.32
N LEU B 137 7.54 -24.80 -23.39
CA LEU B 137 8.97 -24.66 -23.63
C LEU B 137 9.33 -23.20 -23.57
N GLU B 138 8.63 -22.38 -24.34
CA GLU B 138 8.81 -20.93 -24.27
C GLU B 138 9.03 -20.49 -22.83
N LYS B 139 8.09 -20.84 -21.97
CA LYS B 139 8.08 -20.38 -20.58
C LYS B 139 9.25 -20.99 -19.81
N ALA B 140 9.58 -22.24 -20.12
CA ALA B 140 10.71 -22.91 -19.50
C ALA B 140 12.10 -22.28 -19.84
N ASN B 141 12.14 -21.55 -20.94
CA ASN B 141 13.40 -21.06 -21.53
C ASN B 141 13.69 -19.57 -21.35
N LYS B 142 12.63 -18.79 -21.12
CA LYS B 142 12.78 -17.47 -20.53
C LYS B 142 13.16 -17.66 -19.06
N ILE B 143 12.22 -18.13 -18.23
CA ILE B 143 12.53 -18.40 -16.82
C ILE B 143 13.78 -19.24 -16.72
N LYS B 144 13.90 -20.22 -17.63
CA LYS B 144 15.15 -20.89 -17.81
C LYS B 144 15.62 -21.31 -16.41
N SER B 145 14.65 -21.55 -15.55
CA SER B 145 14.96 -21.89 -14.18
C SER B 145 15.27 -23.41 -14.07
N GLU B 146 14.74 -24.02 -13.02
CA GLU B 146 15.07 -25.39 -12.70
C GLU B 146 13.95 -25.91 -11.81
N LYS B 147 13.41 -25.02 -10.97
CA LYS B 147 12.48 -25.42 -9.91
C LYS B 147 11.29 -24.47 -9.69
N THR B 148 11.06 -23.52 -10.62
CA THR B 148 9.74 -22.88 -10.73
C THR B 148 8.81 -23.83 -11.50
N HIS B 149 7.66 -24.08 -10.92
CA HIS B 149 6.74 -25.02 -11.52
C HIS B 149 6.07 -24.26 -12.64
N ILE B 150 5.86 -24.88 -13.79
CA ILE B 150 5.09 -24.24 -14.86
C ILE B 150 3.70 -24.91 -14.93
N HIS B 151 2.65 -24.10 -15.13
CA HIS B 151 1.31 -24.62 -15.46
C HIS B 151 0.76 -23.82 -16.65
N ILE B 152 0.38 -24.54 -17.72
CA ILE B 152 -0.08 -23.92 -18.99
C ILE B 152 -1.55 -24.21 -19.29
N PHE B 153 -2.31 -23.21 -19.70
CA PHE B 153 -3.71 -23.46 -19.98
C PHE B 153 -3.96 -23.06 -21.41
N SER B 154 -4.68 -23.89 -22.16
CA SER B 154 -5.09 -23.46 -23.50
C SER B 154 -6.58 -23.54 -23.53
N PHE B 155 -7.16 -22.68 -24.36
CA PHE B 155 -8.58 -22.58 -24.58
C PHE B 155 -9.12 -23.96 -25.07
N THR B 156 -8.44 -24.55 -26.07
CA THR B 156 -8.68 -25.96 -26.50
C THR B 156 -9.14 -26.86 -25.35
N GLY B 157 -8.72 -26.52 -24.14
CA GLY B 157 -9.22 -27.26 -22.99
C GLY B 157 -8.19 -28.19 -22.41
N GLU B 158 -7.00 -28.18 -22.99
CA GLU B 158 -5.93 -28.92 -22.39
C GLU B 158 -5.00 -28.06 -21.57
N GLU B 159 -4.24 -28.72 -20.73
CA GLU B 159 -3.26 -28.09 -19.85
C GLU B 159 -1.94 -28.84 -20.00
N MET B 160 -0.87 -28.25 -19.47
CA MET B 160 0.44 -28.95 -19.36
C MET B 160 1.17 -28.34 -18.15
N ALA B 161 1.52 -29.22 -17.22
CA ALA B 161 2.27 -28.88 -16.01
C ALA B 161 3.64 -29.44 -16.11
N THR B 162 4.49 -29.04 -15.18
CA THR B 162 5.80 -29.67 -15.06
C THR B 162 5.68 -31.07 -14.40
N LYS B 163 6.32 -32.06 -15.05
CA LYS B 163 6.33 -33.47 -14.58
C LYS B 163 4.93 -33.99 -14.30
N ALA B 164 4.04 -33.66 -15.23
CA ALA B 164 2.61 -33.89 -15.13
C ALA B 164 2.03 -33.68 -13.70
N ASP B 165 2.54 -32.72 -12.94
CA ASP B 165 1.97 -32.43 -11.61
C ASP B 165 1.16 -31.14 -11.64
N TYR B 166 -0.12 -31.29 -11.29
CA TYR B 166 -1.14 -30.31 -11.62
C TYR B 166 -1.55 -29.44 -10.44
N THR B 167 -0.93 -29.71 -9.28
CA THR B 167 -1.02 -28.86 -8.07
C THR B 167 -2.46 -28.59 -7.54
N LEU B 168 -3.49 -28.70 -8.41
CA LEU B 168 -4.91 -28.48 -8.01
C LEU B 168 -5.82 -29.75 -8.19
N ASP B 169 -6.79 -29.90 -7.29
CA ASP B 169 -7.92 -30.86 -7.49
C ASP B 169 -8.64 -30.62 -8.85
N GLU B 170 -8.99 -31.71 -9.54
CA GLU B 170 -9.33 -31.62 -10.97
C GLU B 170 -10.57 -30.83 -11.28
N GLU B 171 -11.40 -30.55 -10.27
CA GLU B 171 -12.59 -29.73 -10.49
C GLU B 171 -12.26 -28.24 -10.35
N SER B 172 -11.13 -27.97 -9.71
CA SER B 172 -10.65 -26.60 -9.65
C SER B 172 -10.07 -26.23 -11.02
N ARG B 173 -9.33 -27.15 -11.61
CA ARG B 173 -8.80 -26.90 -12.95
C ARG B 173 -9.96 -26.87 -13.97
N ALA B 174 -11.01 -27.61 -13.72
CA ALA B 174 -12.14 -27.54 -14.63
C ALA B 174 -12.82 -26.17 -14.51
N ARG B 175 -12.90 -25.64 -13.28
CA ARG B 175 -13.49 -24.34 -13.07
C ARG B 175 -12.76 -23.32 -13.94
N ILE B 176 -11.47 -23.55 -14.22
CA ILE B 176 -10.69 -22.59 -14.98
C ILE B 176 -10.97 -22.78 -16.45
N LYS B 177 -10.90 -24.03 -16.91
CA LYS B 177 -11.22 -24.38 -18.31
C LYS B 177 -12.63 -23.92 -18.78
N THR B 178 -13.57 -23.87 -17.84
CA THR B 178 -14.95 -23.45 -18.10
C THR B 178 -14.92 -22.02 -18.59
N ARG B 179 -14.30 -21.15 -17.81
CA ARG B 179 -14.21 -19.72 -18.09
C ARG B 179 -13.38 -19.43 -19.31
N LEU B 180 -12.36 -20.23 -19.59
CA LEU B 180 -11.54 -20.01 -20.77
C LEU B 180 -12.29 -20.38 -22.05
N PHE B 181 -13.13 -21.42 -21.98
CA PHE B 181 -14.07 -21.72 -23.07
C PHE B 181 -15.05 -20.56 -23.21
N THR B 182 -15.82 -20.33 -22.15
CA THR B 182 -16.78 -19.25 -22.10
C THR B 182 -16.14 -18.05 -22.82
N ILE B 183 -14.91 -17.66 -22.40
CA ILE B 183 -14.22 -16.51 -22.98
C ILE B 183 -14.04 -16.67 -24.49
N ARG B 184 -13.50 -17.82 -24.93
CA ARG B 184 -13.06 -17.96 -26.34
C ARG B 184 -14.18 -18.22 -27.33
N GLN B 185 -15.38 -18.46 -26.83
CA GLN B 185 -16.48 -18.53 -27.74
C GLN B 185 -17.25 -17.23 -27.69
N GLU B 186 -17.25 -16.52 -26.57
CA GLU B 186 -17.85 -15.18 -26.49
C GLU B 186 -17.25 -14.24 -27.55
N MET B 187 -15.91 -14.27 -27.63
CA MET B 187 -15.16 -13.56 -28.66
C MET B 187 -15.50 -14.06 -30.07
N ALA B 188 -15.46 -15.38 -30.27
CA ALA B 188 -15.71 -15.99 -31.60
C ALA B 188 -17.03 -15.51 -32.17
N SER B 189 -18.02 -15.53 -31.28
CA SER B 189 -19.35 -15.02 -31.50
C SER B 189 -19.39 -13.54 -31.79
N ARG B 190 -18.24 -12.93 -32.09
CA ARG B 190 -18.23 -11.48 -32.39
C ARG B 190 -17.16 -11.08 -33.40
N GLY B 191 -16.44 -12.09 -33.90
CA GLY B 191 -15.37 -11.89 -34.87
C GLY B 191 -14.05 -11.53 -34.24
N LEU B 192 -13.98 -11.63 -32.91
CA LEU B 192 -12.80 -11.15 -32.18
C LEU B 192 -11.71 -12.25 -32.06
N TRP B 193 -12.16 -13.48 -31.88
CA TRP B 193 -11.30 -14.63 -31.63
C TRP B 193 -10.30 -14.92 -32.76
N ASP B 194 -10.73 -14.77 -33.99
CA ASP B 194 -9.87 -14.90 -35.14
C ASP B 194 -8.46 -14.33 -34.94
N SER B 195 -8.36 -12.99 -34.89
CA SER B 195 -7.05 -12.30 -34.75
C SER B 195 -6.47 -12.35 -33.32
N PHE B 196 -7.34 -12.48 -32.32
CA PHE B 196 -6.89 -12.73 -30.95
C PHE B 196 -5.98 -13.95 -30.86
N ARG B 197 -6.30 -14.98 -31.62
CA ARG B 197 -5.50 -16.17 -31.67
C ARG B 197 -4.22 -15.83 -32.43
N GLN B 198 -4.37 -15.11 -33.55
CA GLN B 198 -3.23 -14.69 -34.37
C GLN B 198 -2.26 -13.77 -33.59
N SER B 199 -2.82 -12.79 -32.89
CA SER B 199 -2.05 -11.77 -32.18
C SER B 199 -0.94 -12.32 -31.30
N GLU B 200 -0.90 -13.64 -31.11
CA GLU B 200 -0.04 -14.27 -30.11
C GLU B 200 1.46 -14.02 -30.38
N ARG B 201 1.88 -12.76 -30.16
CA ARG B 201 3.21 -12.30 -30.54
C ARG B 201 4.29 -13.08 -29.79
N GLY B 202 5.42 -13.34 -30.45
CA GLY B 202 6.60 -13.89 -29.76
C GLY B 202 7.88 -13.10 -30.05
N LEU C 3 17.45 41.88 26.40
CA LEU C 3 16.37 42.57 25.62
C LEU C 3 16.64 42.59 24.08
N GLY C 4 16.40 41.45 23.43
CA GLY C 4 16.67 41.26 21.99
C GLY C 4 15.42 41.25 21.12
N SER C 5 15.61 40.89 19.84
CA SER C 5 14.55 40.90 18.81
C SER C 5 14.05 39.51 18.45
N MET C 6 12.92 39.46 17.73
CA MET C 6 12.28 38.19 17.31
C MET C 6 12.98 37.43 16.16
N GLU C 7 13.57 38.15 15.20
CA GLU C 7 14.25 37.54 14.06
C GLU C 7 15.52 36.74 14.39
N ASP C 8 16.22 37.16 15.43
CA ASP C 8 17.35 36.43 15.95
C ASP C 8 16.89 35.09 16.43
N PHE C 9 15.72 35.07 17.06
CA PHE C 9 15.17 33.84 17.63
C PHE C 9 15.17 32.67 16.62
N VAL C 10 14.79 33.01 15.38
CA VAL C 10 14.37 32.07 14.31
C VAL C 10 15.47 31.56 13.38
N ARG C 11 16.12 32.50 12.69
CA ARG C 11 17.17 32.18 11.73
C ARG C 11 18.00 31.08 12.37
N GLN C 12 17.78 30.93 13.67
CA GLN C 12 18.67 30.28 14.61
C GLN C 12 18.24 28.86 14.98
N CYS C 13 17.02 28.74 15.50
CA CYS C 13 16.49 27.43 15.97
C CYS C 13 16.35 26.31 14.91
N PHE C 14 15.88 26.66 13.69
CA PHE C 14 15.17 25.70 12.79
C PHE C 14 15.92 25.04 11.65
N ASN C 15 15.38 23.89 11.20
CA ASN C 15 15.82 23.22 9.96
C ASN C 15 15.65 24.17 8.80
N PRO C 16 16.69 24.28 7.92
CA PRO C 16 16.70 25.26 6.82
C PRO C 16 15.54 25.12 5.81
N MET C 17 15.17 23.86 5.58
CA MET C 17 14.04 23.50 4.74
C MET C 17 12.73 24.08 5.29
N ILE C 18 12.59 24.17 6.61
CA ILE C 18 11.43 24.85 7.20
C ILE C 18 11.51 26.34 7.07
N VAL C 19 12.67 26.90 7.38
CA VAL C 19 12.83 28.35 7.29
C VAL C 19 12.46 28.88 5.91
N GLU C 20 12.94 28.19 4.89
CA GLU C 20 12.55 28.40 3.51
C GLU C 20 11.06 28.66 3.31
N LEU C 21 10.26 27.69 3.73
CA LEU C 21 8.86 27.69 3.42
C LEU C 21 8.15 28.70 4.28
N ALA C 22 8.79 29.07 5.39
CA ALA C 22 8.32 30.14 6.25
C ALA C 22 8.52 31.51 5.57
N GLU C 23 9.64 31.64 4.86
CA GLU C 23 9.89 32.77 3.97
C GLU C 23 8.79 32.83 2.89
N LYS C 24 8.70 31.76 2.07
CA LYS C 24 7.70 31.66 0.99
C LYS C 24 6.28 31.91 1.46
N ALA C 25 5.92 31.36 2.61
CA ALA C 25 4.55 31.50 3.09
C ALA C 25 4.29 32.92 3.56
N MET C 26 5.39 33.61 3.89
CA MET C 26 5.32 35.00 4.31
C MET C 26 5.24 36.01 3.15
N LYS C 27 6.09 35.81 2.13
CA LYS C 27 6.06 36.59 0.87
C LYS C 27 4.88 36.32 -0.09
N GLU C 28 4.34 35.09 -0.07
CA GLU C 28 3.11 34.73 -0.78
C GLU C 28 2.00 35.70 -0.33
N TYR C 29 1.89 35.90 0.99
CA TYR C 29 0.80 36.65 1.61
C TYR C 29 1.16 38.12 1.61
N GLY C 30 2.38 38.38 1.13
CA GLY C 30 2.89 39.71 0.96
C GLY C 30 3.21 40.41 2.26
N GLU C 31 3.78 39.61 3.18
CA GLU C 31 4.39 40.12 4.41
C GLU C 31 5.89 39.85 4.48
N ASP C 32 6.54 40.48 5.47
CA ASP C 32 8.01 40.55 5.57
C ASP C 32 8.54 39.86 6.84
N PRO C 33 9.49 38.91 6.68
CA PRO C 33 10.16 38.31 7.83
C PRO C 33 10.76 39.36 8.79
N LYS C 34 11.85 39.97 8.34
CA LYS C 34 12.52 41.07 9.03
C LYS C 34 11.66 42.13 9.74
N ILE C 35 10.46 42.43 9.26
CA ILE C 35 9.59 43.38 9.96
C ILE C 35 8.76 42.66 11.01
N GLU C 36 7.86 41.77 10.53
CA GLU C 36 6.98 40.95 11.39
C GLU C 36 7.62 39.59 11.79
N THR C 37 8.13 39.51 13.02
CA THR C 37 8.80 38.29 13.49
C THR C 37 8.11 37.49 14.62
N ASN C 38 7.32 38.16 15.47
CA ASN C 38 6.25 37.41 16.20
C ASN C 38 5.73 36.36 15.20
N LYS C 39 5.01 36.86 14.19
CA LYS C 39 4.41 36.05 13.12
C LYS C 39 5.44 35.23 12.34
N PHE C 40 6.61 35.78 12.03
CA PHE C 40 7.60 34.98 11.34
C PHE C 40 7.93 33.67 12.11
N ALA C 41 8.00 33.76 13.43
CA ALA C 41 8.36 32.57 14.21
C ALA C 41 7.14 31.67 14.49
N ALA C 42 5.98 32.27 14.76
CA ALA C 42 4.73 31.53 14.82
C ALA C 42 4.57 30.61 13.64
N ILE C 43 5.02 31.08 12.49
CA ILE C 43 4.99 30.33 11.22
C ILE C 43 5.96 29.13 11.19
N CYS C 44 7.27 29.30 11.32
CA CYS C 44 8.16 28.10 11.38
C CYS C 44 7.67 27.11 12.43
N THR C 45 7.22 27.67 13.54
CA THR C 45 6.63 26.90 14.62
C THR C 45 5.36 26.10 14.23
N HIS C 46 4.28 26.78 13.85
CA HIS C 46 3.11 26.10 13.26
C HIS C 46 3.51 25.18 12.13
N LEU C 47 4.47 25.58 11.30
CA LEU C 47 4.99 24.66 10.27
C LEU C 47 5.64 23.43 10.88
N GLU C 48 6.26 23.56 12.04
CA GLU C 48 6.92 22.39 12.55
C GLU C 48 5.97 21.31 12.95
N VAL C 49 4.87 21.66 13.59
CA VAL C 49 3.97 20.63 14.03
C VAL C 49 3.27 19.89 12.91
N CYS C 50 2.90 20.59 11.83
CA CYS C 50 2.28 19.93 10.69
C CYS C 50 3.16 18.76 10.15
N PHE C 51 4.49 18.98 10.09
CA PHE C 51 5.47 17.98 9.67
C PHE C 51 5.68 16.95 10.77
N MET C 52 5.61 17.39 12.01
CA MET C 52 5.82 16.50 13.13
C MET C 52 4.64 15.58 13.35
N TYR C 53 3.44 16.10 13.07
CA TYR C 53 2.21 15.31 13.01
C TYR C 53 2.28 14.11 12.10
N SER C 54 2.88 14.26 10.92
CA SER C 54 3.06 13.11 9.96
C SER C 54 4.15 12.17 10.41
N ARG C 80 -0.21 7.78 6.33
CA ARG C 80 -1.58 7.99 6.77
C ARG C 80 -2.01 9.41 6.54
N PHE C 81 -1.04 10.32 6.63
CA PHE C 81 -1.31 11.74 6.53
C PHE C 81 -0.70 12.37 5.30
N GLU C 82 -1.48 13.28 4.74
CA GLU C 82 -1.03 14.16 3.71
C GLU C 82 -0.76 15.53 4.31
N ILE C 83 0.45 16.03 4.11
CA ILE C 83 0.77 17.39 4.51
C ILE C 83 0.22 18.36 3.47
N ILE C 84 -0.58 19.34 3.93
CA ILE C 84 -1.08 20.41 3.04
C ILE C 84 -0.47 21.78 3.30
N GLU C 85 -0.24 22.16 4.56
CA GLU C 85 0.44 23.45 4.88
C GLU C 85 1.89 23.40 4.42
N GLY C 86 2.44 24.55 4.05
CA GLY C 86 3.77 24.55 3.41
C GLY C 86 3.73 24.31 1.89
N ARG C 87 2.54 24.04 1.36
CA ARG C 87 2.37 23.90 -0.06
C ARG C 87 2.00 25.28 -0.64
N ASP C 88 2.05 25.41 -1.97
CA ASP C 88 1.61 26.62 -2.68
C ASP C 88 0.11 26.56 -2.85
N ARG C 89 -0.54 27.72 -2.74
CA ARG C 89 -1.99 27.76 -2.81
C ARG C 89 -2.48 26.83 -3.92
N THR C 90 -1.75 26.86 -5.03
CA THR C 90 -1.97 26.04 -6.22
C THR C 90 -1.75 24.56 -5.95
N MET C 91 -0.49 24.22 -5.65
CA MET C 91 -0.13 22.87 -5.28
C MET C 91 -1.07 22.30 -4.24
N ALA C 92 -1.46 23.11 -3.26
CA ALA C 92 -2.28 22.66 -2.14
C ALA C 92 -3.63 22.26 -2.55
N TRP C 93 -4.33 23.19 -3.20
CA TRP C 93 -5.65 22.90 -3.76
C TRP C 93 -5.69 21.67 -4.65
N THR C 94 -4.78 21.57 -5.61
CA THR C 94 -4.72 20.36 -6.46
C THR C 94 -4.67 19.07 -5.61
N VAL C 95 -3.97 19.14 -4.50
CA VAL C 95 -3.99 18.02 -3.58
C VAL C 95 -5.34 17.88 -3.02
N VAL C 96 -5.82 18.91 -2.31
CA VAL C 96 -7.14 18.81 -1.65
C VAL C 96 -8.07 18.20 -2.68
N ASN C 97 -7.91 18.69 -3.90
CA ASN C 97 -8.73 18.22 -4.97
C ASN C 97 -8.61 16.75 -5.38
N SER C 98 -7.39 16.25 -5.54
CA SER C 98 -7.27 14.88 -6.01
C SER C 98 -7.70 13.93 -4.89
N ILE C 99 -7.42 14.33 -3.65
CA ILE C 99 -7.96 13.70 -2.47
C ILE C 99 -9.48 13.69 -2.52
N CYS C 100 -10.08 14.85 -2.75
CA CYS C 100 -11.54 14.98 -2.66
C CYS C 100 -12.32 14.03 -3.53
N ASN C 101 -11.86 13.73 -4.75
CA ASN C 101 -12.61 12.78 -5.61
C ASN C 101 -12.09 11.36 -5.69
N THR C 102 -10.94 11.10 -5.08
CA THR C 102 -10.37 9.77 -4.96
C THR C 102 -10.95 9.16 -3.71
N THR C 103 -10.63 9.74 -2.56
CA THR C 103 -11.45 9.53 -1.39
C THR C 103 -12.72 10.24 -1.83
N GLY C 104 -13.85 10.00 -1.19
CA GLY C 104 -15.05 10.70 -1.72
C GLY C 104 -15.35 12.05 -1.11
N VAL C 105 -14.43 12.60 -0.34
CA VAL C 105 -14.84 13.58 0.68
C VAL C 105 -15.09 14.97 0.14
N GLU C 106 -16.07 15.59 0.76
CA GLU C 106 -16.38 16.97 0.56
C GLU C 106 -15.15 17.86 0.62
N LYS C 107 -14.90 18.58 -0.46
CA LYS C 107 -13.88 19.66 -0.53
C LYS C 107 -13.99 20.72 0.58
N PRO C 108 -12.88 20.93 1.38
CA PRO C 108 -12.93 21.91 2.48
C PRO C 108 -13.19 23.32 1.99
N LYS C 109 -13.90 24.08 2.79
CA LYS C 109 -14.28 25.42 2.52
C LYS C 109 -13.00 26.21 2.52
N PHE C 110 -12.06 25.75 3.35
CA PHE C 110 -11.01 26.60 3.85
C PHE C 110 -9.59 26.30 3.51
N LEU C 111 -9.24 25.04 3.28
CA LEU C 111 -7.83 24.72 2.95
C LEU C 111 -7.03 24.50 4.22
N PRO C 112 -6.92 23.23 4.66
CA PRO C 112 -6.40 22.88 5.96
C PRO C 112 -4.97 22.38 5.88
N ASP C 113 -4.49 21.79 6.98
CA ASP C 113 -3.10 21.44 7.10
C ASP C 113 -2.76 20.02 6.68
N LEU C 114 -3.62 19.07 7.01
CA LEU C 114 -3.32 17.66 6.74
C LEU C 114 -4.51 16.86 6.26
N TYR C 115 -4.23 15.62 5.83
CA TYR C 115 -5.27 14.60 5.52
C TYR C 115 -4.99 13.26 6.20
N ASP C 116 -5.98 12.83 6.99
CA ASP C 116 -5.95 11.59 7.74
C ASP C 116 -6.62 10.52 6.91
N TYR C 117 -5.84 9.76 6.12
CA TYR C 117 -6.39 8.60 5.36
C TYR C 117 -7.06 7.53 6.24
N LYS C 118 -6.62 7.35 7.48
CA LYS C 118 -7.29 6.45 8.43
C LYS C 118 -8.71 6.94 8.80
N GLU C 119 -8.84 7.98 9.62
CA GLU C 119 -10.15 8.52 9.98
C GLU C 119 -10.90 9.14 8.83
N ASN C 120 -10.19 9.34 7.73
CA ASN C 120 -10.71 10.06 6.54
C ASN C 120 -11.34 11.41 6.81
N ARG C 121 -10.52 12.37 7.21
CA ARG C 121 -10.98 13.73 7.46
C ARG C 121 -9.80 14.64 7.32
N PHE C 122 -10.03 15.88 6.88
CA PHE C 122 -8.95 16.90 6.76
C PHE C 122 -8.73 17.55 8.13
N ILE C 123 -7.49 17.96 8.40
CA ILE C 123 -7.12 18.46 9.74
C ILE C 123 -6.55 19.89 9.73
N GLU C 124 -7.09 20.76 10.59
CA GLU C 124 -6.47 22.05 10.92
C GLU C 124 -5.80 22.01 12.29
N ILE C 125 -4.48 22.25 12.29
CA ILE C 125 -3.66 22.42 13.50
C ILE C 125 -3.60 23.89 13.90
N GLY C 126 -3.61 24.12 15.21
CA GLY C 126 -3.27 25.39 15.79
C GLY C 126 -2.21 25.24 16.90
N VAL C 127 -1.08 25.93 16.73
CA VAL C 127 -0.14 26.22 17.82
C VAL C 127 -0.41 27.62 18.42
N THR C 128 -0.49 27.68 19.75
CA THR C 128 -0.97 28.87 20.41
C THR C 128 -0.09 29.24 21.61
N ARG C 129 -0.30 30.47 22.08
CA ARG C 129 0.31 31.00 23.30
C ARG C 129 -0.76 31.57 24.27
N ARG C 130 -1.99 31.77 23.81
CA ARG C 130 -3.10 32.06 24.72
C ARG C 130 -3.60 30.79 25.40
N GLU C 131 -4.89 30.72 25.67
CA GLU C 131 -5.53 29.48 26.13
C GLU C 131 -5.81 28.57 24.92
N VAL C 132 -5.56 27.26 25.06
CA VAL C 132 -5.91 26.27 24.02
C VAL C 132 -7.41 26.15 23.68
N HIS C 133 -8.29 26.51 24.61
CA HIS C 133 -9.70 26.33 24.34
C HIS C 133 -10.22 27.56 23.61
N THR C 134 -9.75 28.74 24.02
CA THR C 134 -10.12 29.96 23.31
C THR C 134 -9.78 29.74 21.85
N TYR C 135 -8.50 29.44 21.57
CA TYR C 135 -7.95 29.20 20.22
C TYR C 135 -8.61 28.03 19.45
N TYR C 136 -9.06 27.00 20.16
CA TYR C 136 -9.93 25.98 19.58
C TYR C 136 -11.27 26.60 19.20
N LEU C 137 -11.84 27.42 20.08
CA LEU C 137 -13.15 27.96 19.78
C LEU C 137 -13.06 29.00 18.71
N GLU C 138 -12.00 29.79 18.73
CA GLU C 138 -11.66 30.66 17.60
C GLU C 138 -11.79 29.88 16.33
N LYS C 139 -10.86 28.95 16.18
CA LYS C 139 -10.72 28.15 15.01
C LYS C 139 -12.05 27.55 14.60
N ALA C 140 -12.76 26.98 15.58
CA ALA C 140 -14.00 26.22 15.34
C ALA C 140 -15.08 27.02 14.58
N ASN C 141 -15.09 28.32 14.84
CA ASN C 141 -16.08 29.23 14.27
C ASN C 141 -15.86 29.74 12.83
N LYS C 142 -14.61 29.96 12.44
CA LYS C 142 -14.30 30.41 11.10
C LYS C 142 -14.70 29.30 10.13
N ILE C 143 -14.38 28.08 10.52
CA ILE C 143 -14.54 27.01 9.58
C ILE C 143 -15.88 26.34 9.81
N LYS C 144 -16.19 26.09 11.09
CA LYS C 144 -17.24 25.15 11.43
C LYS C 144 -16.95 23.78 10.78
N SER C 145 -16.25 22.98 11.57
CA SER C 145 -15.96 21.59 11.26
C SER C 145 -17.25 20.79 11.18
N GLU C 146 -17.09 19.47 11.17
CA GLU C 146 -18.13 18.58 10.74
C GLU C 146 -17.31 17.38 10.43
N LYS C 147 -16.35 17.61 9.54
CA LYS C 147 -15.37 16.60 9.14
C LYS C 147 -14.10 17.35 8.70
N THR C 148 -13.93 18.54 9.26
CA THR C 148 -12.61 19.09 9.35
C THR C 148 -12.28 19.07 10.84
N HIS C 149 -11.45 18.10 11.23
CA HIS C 149 -11.09 17.89 12.63
C HIS C 149 -10.05 18.93 13.10
N ILE C 150 -10.27 19.51 14.28
CA ILE C 150 -9.38 20.57 14.81
C ILE C 150 -8.47 20.17 16.02
N HIS C 151 -7.15 20.27 15.84
CA HIS C 151 -6.20 19.97 16.91
C HIS C 151 -5.29 21.13 17.33
N ILE C 152 -5.47 21.59 18.57
CA ILE C 152 -4.68 22.69 19.16
C ILE C 152 -3.56 22.25 20.10
N PHE C 153 -2.40 22.88 19.91
CA PHE C 153 -1.24 22.66 20.76
C PHE C 153 -0.75 23.96 21.35
N SER C 154 0.03 23.89 22.43
CA SER C 154 0.62 25.12 22.97
C SER C 154 2.06 24.89 23.41
N PHE C 155 2.77 25.97 23.73
CA PHE C 155 4.16 25.87 24.26
C PHE C 155 4.19 25.58 25.79
N THR C 156 2.98 25.54 26.38
CA THR C 156 2.69 25.32 27.81
C THR C 156 2.38 23.86 28.11
N GLY C 157 2.58 23.01 27.10
CA GLY C 157 2.44 21.56 27.23
C GLY C 157 1.06 20.96 27.05
N GLU C 158 0.03 21.79 27.04
CA GLU C 158 -1.32 21.24 26.99
C GLU C 158 -1.94 21.41 25.62
N GLU C 159 -3.17 20.95 25.44
CA GLU C 159 -3.73 20.80 24.12
C GLU C 159 -5.19 20.47 24.20
N MET C 160 -5.88 20.69 23.08
CA MET C 160 -7.32 20.55 22.99
C MET C 160 -7.60 20.05 21.58
N ALA C 161 -8.44 19.01 21.46
CA ALA C 161 -8.93 18.55 20.14
C ALA C 161 -10.46 18.34 20.05
N THR C 162 -10.96 18.55 18.83
CA THR C 162 -12.37 18.26 18.44
C THR C 162 -12.90 16.90 19.00
N LYS C 163 -14.08 16.94 19.63
CA LYS C 163 -14.76 15.74 20.18
C LYS C 163 -13.93 14.88 21.14
N ALA C 164 -12.89 15.50 21.67
CA ALA C 164 -11.87 14.85 22.43
C ALA C 164 -11.19 13.78 21.60
N ASP C 165 -11.15 13.95 20.29
CA ASP C 165 -10.48 12.95 19.43
C ASP C 165 -9.06 13.38 19.01
N TYR C 166 -8.08 12.85 19.73
CA TYR C 166 -6.71 13.36 19.64
C TYR C 166 -5.85 12.77 18.48
N THR C 167 -6.47 11.91 17.66
CA THR C 167 -5.81 11.32 16.47
C THR C 167 -4.53 10.46 16.75
N LEU C 168 -3.41 11.12 17.05
CA LEU C 168 -2.10 10.45 17.24
C LEU C 168 -2.00 9.82 18.63
N ASP C 169 -1.23 8.74 18.79
CA ASP C 169 -1.00 8.12 20.11
C ASP C 169 -0.27 9.04 21.03
N GLU C 170 -0.21 8.70 22.31
CA GLU C 170 0.41 9.58 23.30
C GLU C 170 1.91 9.77 23.19
N GLU C 171 2.68 8.79 22.68
CA GLU C 171 4.13 9.00 22.61
C GLU C 171 4.60 9.88 21.48
N SER C 172 3.64 10.38 20.69
CA SER C 172 3.86 11.26 19.53
C SER C 172 3.28 12.70 19.66
N ARG C 173 2.24 12.88 20.49
CA ARG C 173 1.88 14.18 21.02
C ARG C 173 2.88 14.61 22.08
N ALA C 174 3.36 13.67 22.89
CA ALA C 174 4.46 13.99 23.80
C ALA C 174 5.50 14.81 23.06
N ARG C 175 6.04 14.26 21.96
CA ARG C 175 7.07 14.93 21.17
C ARG C 175 6.63 16.33 20.76
N ILE C 176 5.52 16.40 20.05
CA ILE C 176 5.06 17.71 19.58
C ILE C 176 5.12 18.66 20.77
N LYS C 177 4.63 18.19 21.92
CA LYS C 177 4.53 18.96 23.16
C LYS C 177 5.90 19.33 23.77
N THR C 178 6.90 18.46 23.59
CA THR C 178 8.24 18.72 24.09
C THR C 178 8.89 19.79 23.26
N ARG C 179 8.89 19.63 21.94
CA ARG C 179 9.70 20.50 21.07
C ARG C 179 9.20 21.89 21.24
N LEU C 180 7.93 21.99 21.61
CA LEU C 180 7.29 23.27 21.75
C LEU C 180 7.74 23.87 23.02
N PHE C 181 7.79 23.07 24.07
CA PHE C 181 8.19 23.56 25.37
C PHE C 181 9.69 23.98 25.34
N THR C 182 10.49 23.17 24.65
CA THR C 182 11.88 23.49 24.33
C THR C 182 12.03 24.85 23.68
N ILE C 183 11.24 25.07 22.63
CA ILE C 183 11.19 26.36 22.04
C ILE C 183 10.74 27.41 23.08
N ARG C 184 9.59 27.21 23.71
CA ARG C 184 9.03 28.07 24.78
C ARG C 184 10.09 28.71 25.67
N GLN C 185 11.22 28.06 25.84
CA GLN C 185 12.21 28.68 26.72
C GLN C 185 13.21 29.56 25.96
N GLU C 186 13.57 29.14 24.74
CA GLU C 186 14.49 29.89 23.92
C GLU C 186 13.83 31.17 23.54
N MET C 187 12.50 31.14 23.39
CA MET C 187 11.70 32.37 23.17
C MET C 187 11.58 33.17 24.47
N ALA C 188 12.60 32.98 25.33
CA ALA C 188 12.71 33.58 26.67
C ALA C 188 14.19 33.67 27.09
N SER C 189 14.93 32.63 26.68
CA SER C 189 16.31 32.45 27.07
C SER C 189 17.23 33.26 26.22
N ARG C 190 16.66 34.14 25.40
CA ARG C 190 17.45 35.02 24.59
C ARG C 190 16.83 36.39 24.75
N GLY C 191 15.84 36.46 25.63
CA GLY C 191 15.27 37.71 26.09
C GLY C 191 13.87 37.96 25.59
N LEU C 192 13.33 36.99 24.83
CA LEU C 192 12.17 37.18 23.92
C LEU C 192 10.76 37.10 24.55
N TRP C 193 10.55 36.11 25.40
CA TRP C 193 9.23 35.65 25.77
C TRP C 193 8.11 36.69 25.78
N ASP C 194 7.97 37.42 26.89
CA ASP C 194 6.65 37.96 27.35
C ASP C 194 5.86 38.99 26.54
N SER C 195 5.80 38.81 25.23
CA SER C 195 4.98 39.67 24.38
C SER C 195 4.05 38.89 23.46
N PHE C 196 4.34 37.59 23.27
CA PHE C 196 3.55 36.85 22.28
C PHE C 196 2.06 36.79 22.66
N ARG C 197 1.71 36.21 23.81
CA ARG C 197 0.29 35.88 24.15
C ARG C 197 -0.76 37.00 24.02
N GLN C 198 -0.34 38.23 24.28
CA GLN C 198 -1.25 39.38 24.29
C GLN C 198 -1.59 39.85 22.88
N SER C 199 -0.91 39.30 21.86
CA SER C 199 -1.08 39.75 20.47
C SER C 199 -2.26 39.13 19.67
N GLU C 200 -2.37 37.80 19.67
CA GLU C 200 -3.35 37.08 18.86
C GLU C 200 -4.79 37.62 18.89
N ARG C 201 -5.16 38.36 17.84
CA ARG C 201 -6.46 39.07 17.73
C ARG C 201 -7.56 38.23 17.02
N GLY C 202 -7.58 38.27 15.67
CA GLY C 202 -8.56 37.52 14.86
C GLY C 202 -7.88 36.51 13.89
N LEU D 3 -36.64 -37.71 -3.74
CA LEU D 3 -36.10 -36.86 -2.65
C LEU D 3 -34.75 -37.36 -2.17
N GLY D 4 -33.71 -36.57 -2.46
CA GLY D 4 -32.32 -36.89 -2.14
C GLY D 4 -31.94 -36.66 -0.69
N SER D 5 -30.77 -37.21 -0.34
CA SER D 5 -30.15 -37.10 0.99
C SER D 5 -29.45 -35.78 1.15
N MET D 6 -29.72 -35.11 2.26
CA MET D 6 -29.15 -33.76 2.53
C MET D 6 -27.62 -33.78 2.59
N GLU D 7 -27.10 -34.90 3.06
CA GLU D 7 -25.68 -35.22 3.05
C GLU D 7 -25.14 -35.32 1.63
N ASP D 8 -25.74 -36.18 0.81
CA ASP D 8 -25.41 -36.30 -0.62
C ASP D 8 -25.15 -34.92 -1.12
N PHE D 9 -26.14 -34.07 -0.89
CA PHE D 9 -26.13 -32.68 -1.27
C PHE D 9 -24.84 -31.97 -0.88
N VAL D 10 -24.53 -32.04 0.43
CA VAL D 10 -23.39 -31.35 1.08
C VAL D 10 -22.03 -31.83 0.57
N ARG D 11 -21.89 -33.16 0.48
CA ARG D 11 -20.64 -33.76 0.04
C ARG D 11 -20.45 -33.57 -1.45
N GLN D 12 -21.50 -33.10 -2.12
CA GLN D 12 -21.39 -32.98 -3.54
C GLN D 12 -21.15 -31.56 -3.98
N CYS D 13 -21.95 -30.63 -3.49
CA CYS D 13 -21.75 -29.22 -3.86
C CYS D 13 -20.82 -28.35 -2.93
N PHE D 14 -20.40 -28.84 -1.75
CA PHE D 14 -19.31 -28.18 -0.98
C PHE D 14 -17.91 -28.80 -1.16
N ASN D 15 -16.87 -27.97 -1.13
CA ASN D 15 -15.49 -28.42 -1.44
C ASN D 15 -14.93 -29.40 -0.41
N PRO D 16 -14.28 -30.49 -0.88
CA PRO D 16 -13.97 -31.56 0.09
C PRO D 16 -13.18 -31.08 1.32
N MET D 17 -12.35 -30.06 1.16
CA MET D 17 -11.55 -29.57 2.27
C MET D 17 -12.39 -28.76 3.30
N ILE D 18 -13.42 -28.08 2.81
CA ILE D 18 -14.47 -27.45 3.63
C ILE D 18 -15.29 -28.52 4.32
N VAL D 19 -15.41 -29.68 3.67
CA VAL D 19 -16.15 -30.83 4.21
C VAL D 19 -15.30 -31.59 5.25
N GLU D 20 -14.05 -31.89 4.91
CA GLU D 20 -13.13 -32.36 5.93
C GLU D 20 -13.28 -31.45 7.13
N LEU D 21 -13.06 -30.16 6.93
CA LEU D 21 -13.21 -29.17 8.00
C LEU D 21 -14.55 -29.18 8.79
N ALA D 22 -15.63 -29.59 8.13
CA ALA D 22 -16.96 -29.61 8.73
C ALA D 22 -17.09 -30.86 9.59
N GLU D 23 -16.78 -32.00 8.99
CA GLU D 23 -16.77 -33.28 9.72
C GLU D 23 -16.02 -33.16 11.06
N LYS D 24 -14.77 -32.71 10.96
CA LYS D 24 -13.87 -32.57 12.10
C LYS D 24 -14.41 -31.69 13.24
N ALA D 25 -15.38 -30.81 12.95
CA ALA D 25 -15.97 -29.90 13.95
C ALA D 25 -17.25 -30.41 14.66
N MET D 26 -18.05 -31.22 13.99
CA MET D 26 -19.11 -31.97 14.66
C MET D 26 -18.47 -33.14 15.39
N LYS D 27 -17.40 -33.71 14.83
CA LYS D 27 -16.66 -34.81 15.46
C LYS D 27 -16.33 -34.51 16.91
N GLU D 28 -15.62 -33.41 17.11
CA GLU D 28 -15.27 -32.96 18.44
C GLU D 28 -16.42 -32.52 19.41
N TYR D 29 -17.65 -32.40 18.95
CA TYR D 29 -18.78 -32.34 19.89
C TYR D 29 -19.51 -33.66 19.97
N GLY D 30 -18.93 -34.66 19.30
CA GLY D 30 -19.35 -36.02 19.42
C GLY D 30 -20.63 -36.31 18.68
N GLU D 31 -21.07 -35.31 17.89
CA GLU D 31 -22.22 -35.44 16.95
C GLU D 31 -21.78 -36.03 15.57
N ASP D 32 -22.76 -36.54 14.81
CA ASP D 32 -22.47 -37.27 13.58
C ASP D 32 -23.14 -36.64 12.37
N PRO D 33 -22.39 -36.49 11.26
CA PRO D 33 -22.98 -35.95 10.02
C PRO D 33 -24.17 -36.79 9.47
N LYS D 34 -24.00 -38.11 9.32
CA LYS D 34 -25.09 -39.01 8.89
C LYS D 34 -26.36 -38.75 9.68
N ILE D 35 -26.17 -38.53 10.99
CA ILE D 35 -27.23 -38.42 11.95
C ILE D 35 -27.78 -37.01 12.02
N GLU D 36 -26.88 -36.03 12.11
CA GLU D 36 -27.25 -34.61 12.14
C GLU D 36 -26.86 -33.97 10.78
N THR D 37 -27.68 -34.20 9.76
CA THR D 37 -27.42 -33.81 8.38
C THR D 37 -27.54 -32.32 8.18
N ASN D 38 -28.59 -31.72 8.73
CA ASN D 38 -28.80 -30.25 8.62
C ASN D 38 -27.67 -29.46 9.26
N LYS D 39 -27.23 -29.87 10.48
CA LYS D 39 -26.05 -29.29 11.15
C LYS D 39 -24.76 -29.48 10.34
N PHE D 40 -24.60 -30.63 9.69
CA PHE D 40 -23.52 -30.80 8.76
C PHE D 40 -23.63 -29.71 7.71
N ALA D 41 -24.81 -29.49 7.15
CA ALA D 41 -24.99 -28.50 6.07
C ALA D 41 -24.69 -27.05 6.50
N ALA D 42 -25.37 -26.62 7.57
CA ALA D 42 -25.24 -25.29 8.11
C ALA D 42 -23.83 -25.05 8.70
N ILE D 43 -23.15 -26.12 9.04
CA ILE D 43 -21.78 -25.96 9.41
C ILE D 43 -21.00 -25.55 8.16
N CYS D 44 -20.99 -26.38 7.11
CA CYS D 44 -20.23 -26.08 5.87
C CYS D 44 -20.45 -24.66 5.32
N THR D 45 -21.68 -24.15 5.43
CA THR D 45 -21.94 -22.79 4.95
C THR D 45 -21.13 -21.79 5.76
N HIS D 46 -21.36 -21.81 7.07
CA HIS D 46 -20.63 -20.95 8.02
C HIS D 46 -19.13 -21.00 7.75
N LEU D 47 -18.57 -22.22 7.70
CA LEU D 47 -17.18 -22.41 7.33
C LEU D 47 -16.82 -21.68 6.06
N GLU D 48 -17.58 -21.91 4.98
CA GLU D 48 -17.29 -21.27 3.68
C GLU D 48 -17.46 -19.74 3.69
N VAL D 49 -18.33 -19.18 4.52
CA VAL D 49 -18.41 -17.73 4.63
C VAL D 49 -17.12 -17.23 5.29
N CYS D 50 -16.61 -17.99 6.26
CA CYS D 50 -15.46 -17.56 7.06
C CYS D 50 -14.18 -17.51 6.27
N PHE D 51 -14.03 -18.42 5.31
CA PHE D 51 -12.84 -18.43 4.49
C PHE D 51 -13.09 -17.50 3.32
N MET D 52 -14.34 -17.18 3.08
CA MET D 52 -14.63 -16.16 2.11
C MET D 52 -14.42 -14.77 2.71
N TYR D 53 -14.98 -14.55 3.89
CA TYR D 53 -14.96 -13.25 4.52
C TYR D 53 -13.62 -12.59 4.27
N SER D 54 -12.52 -13.35 4.44
CA SER D 54 -11.18 -12.87 4.03
C SER D 54 -10.96 -12.77 2.50
N ARG D 80 -4.66 -8.99 6.44
CA ARG D 80 -5.65 -8.25 7.24
C ARG D 80 -6.38 -9.17 8.22
N PHE D 81 -6.64 -10.41 7.76
CA PHE D 81 -7.51 -11.32 8.51
C PHE D 81 -6.69 -12.45 8.98
N GLU D 82 -6.82 -12.75 10.27
CA GLU D 82 -6.35 -14.02 10.79
C GLU D 82 -7.60 -14.91 10.96
N ILE D 83 -7.62 -16.06 10.27
CA ILE D 83 -8.77 -16.97 10.35
C ILE D 83 -8.64 -17.92 11.55
N ILE D 84 -9.64 -17.83 12.42
CA ILE D 84 -9.67 -18.61 13.66
C ILE D 84 -10.43 -19.90 13.46
N GLU D 85 -11.58 -19.80 12.79
CA GLU D 85 -12.44 -20.97 12.57
C GLU D 85 -11.71 -21.99 11.73
N GLY D 86 -12.04 -23.25 11.96
CA GLY D 86 -11.44 -24.35 11.22
C GLY D 86 -9.97 -24.65 11.49
N ARG D 87 -9.56 -24.50 12.74
CA ARG D 87 -8.23 -24.97 13.16
C ARG D 87 -8.39 -25.77 14.43
N ASP D 88 -7.26 -26.32 14.93
CA ASP D 88 -7.17 -27.02 16.25
C ASP D 88 -7.76 -26.14 17.33
N ARG D 89 -8.43 -26.71 18.32
CA ARG D 89 -8.74 -25.93 19.53
C ARG D 89 -7.46 -25.32 20.16
N THR D 90 -6.43 -26.14 20.32
CA THR D 90 -5.11 -25.77 20.85
C THR D 90 -4.43 -24.75 19.97
N MET D 91 -4.31 -25.10 18.68
CA MET D 91 -3.76 -24.20 17.69
C MET D 91 -4.51 -22.85 17.69
N ALA D 92 -5.78 -22.85 17.29
CA ALA D 92 -6.66 -21.67 17.40
C ALA D 92 -6.37 -20.78 18.62
N TRP D 93 -6.50 -21.30 19.84
CA TRP D 93 -6.27 -20.49 21.07
C TRP D 93 -4.87 -19.90 21.12
N THR D 94 -3.84 -20.62 20.71
CA THR D 94 -2.46 -20.15 20.88
C THR D 94 -2.28 -18.78 20.25
N VAL D 95 -2.91 -18.60 19.09
CA VAL D 95 -2.84 -17.34 18.40
C VAL D 95 -3.83 -16.33 18.98
N VAL D 96 -5.02 -16.79 19.35
CA VAL D 96 -5.98 -15.90 19.99
C VAL D 96 -5.32 -15.26 21.17
N ASN D 97 -4.42 -16.00 21.83
CA ASN D 97 -3.71 -15.48 22.97
C ASN D 97 -2.63 -14.50 22.59
N SER D 98 -1.88 -14.86 21.53
CA SER D 98 -0.87 -13.97 20.96
C SER D 98 -1.47 -12.67 20.32
N ILE D 99 -2.52 -12.16 20.98
CA ILE D 99 -3.33 -11.06 20.50
C ILE D 99 -4.15 -10.50 21.65
N CYS D 100 -4.73 -11.37 22.47
CA CYS D 100 -5.46 -10.88 23.62
C CYS D 100 -4.53 -10.08 24.54
N ASN D 101 -3.22 -10.23 24.34
CA ASN D 101 -2.23 -9.48 25.15
C ASN D 101 -1.10 -8.74 24.35
N THR D 102 -1.02 -9.06 23.06
CA THR D 102 -0.07 -8.49 22.10
C THR D 102 -0.71 -7.28 21.39
N THR D 103 -1.83 -6.85 21.96
CA THR D 103 -2.66 -5.78 21.45
C THR D 103 -3.59 -5.47 22.62
N GLY D 104 -4.41 -4.42 22.47
CA GLY D 104 -5.37 -4.02 23.51
C GLY D 104 -6.16 -5.17 24.16
N VAL D 105 -7.08 -5.72 23.34
CA VAL D 105 -8.21 -6.63 23.70
C VAL D 105 -8.13 -7.44 24.99
N GLU D 106 -9.28 -7.65 25.61
CA GLU D 106 -9.44 -8.69 26.62
C GLU D 106 -9.15 -10.11 26.03
N LYS D 107 -9.55 -11.14 26.77
CA LYS D 107 -9.44 -12.51 26.29
C LYS D 107 -10.89 -12.93 26.13
N PRO D 108 -11.28 -13.32 24.90
CA PRO D 108 -12.71 -13.61 24.78
C PRO D 108 -13.00 -14.92 25.48
N LYS D 109 -14.22 -15.08 25.97
CA LYS D 109 -14.59 -16.33 26.61
C LYS D 109 -14.49 -17.36 25.53
N PHE D 110 -15.33 -17.18 24.51
CA PHE D 110 -15.83 -18.27 23.68
C PHE D 110 -14.98 -18.88 22.55
N LEU D 111 -14.08 -18.11 21.90
CA LEU D 111 -13.50 -18.45 20.56
C LEU D 111 -14.38 -18.01 19.36
N PRO D 112 -14.06 -16.83 18.77
CA PRO D 112 -14.79 -16.23 17.65
C PRO D 112 -14.28 -16.79 16.30
N ASP D 113 -14.79 -16.26 15.19
CA ASP D 113 -14.44 -16.80 13.89
C ASP D 113 -13.15 -16.21 13.28
N LEU D 114 -12.94 -14.91 13.53
CA LEU D 114 -11.82 -14.18 12.94
C LEU D 114 -11.20 -13.17 13.92
N TYR D 115 -10.19 -12.46 13.43
CA TYR D 115 -9.71 -11.25 14.04
C TYR D 115 -9.31 -10.21 12.97
N ASP D 116 -9.61 -8.96 13.27
CA ASP D 116 -9.40 -7.84 12.37
C ASP D 116 -8.18 -7.00 12.82
N TYR D 117 -7.01 -7.22 12.20
CA TYR D 117 -5.87 -6.33 12.45
C TYR D 117 -6.23 -4.86 12.17
N LYS D 118 -6.59 -4.55 10.92
CA LYS D 118 -6.93 -3.18 10.56
C LYS D 118 -8.02 -2.52 11.45
N GLU D 119 -9.11 -3.19 11.76
CA GLU D 119 -10.05 -2.61 12.73
C GLU D 119 -9.76 -3.00 14.18
N ASN D 120 -8.67 -3.75 14.36
CA ASN D 120 -8.28 -4.38 15.66
C ASN D 120 -9.35 -5.09 16.54
N ARG D 121 -10.07 -6.06 15.97
CA ARG D 121 -11.13 -6.76 16.72
C ARG D 121 -11.35 -8.26 16.37
N PHE D 122 -12.02 -8.97 17.27
CA PHE D 122 -12.38 -10.32 17.01
C PHE D 122 -13.76 -10.21 16.45
N ILE D 123 -14.09 -11.20 15.60
CA ILE D 123 -15.33 -11.22 14.79
C ILE D 123 -15.96 -12.60 14.92
N GLU D 124 -17.28 -12.62 15.11
CA GLU D 124 -18.08 -13.81 15.00
C GLU D 124 -18.97 -13.78 13.75
N ILE D 125 -18.86 -14.83 12.92
CA ILE D 125 -19.81 -15.04 11.83
C ILE D 125 -20.97 -15.90 12.31
N GLY D 126 -22.19 -15.48 11.96
CA GLY D 126 -23.36 -16.34 12.05
C GLY D 126 -24.01 -16.44 10.67
N VAL D 127 -24.49 -17.64 10.31
CA VAL D 127 -25.34 -17.75 9.12
C VAL D 127 -26.76 -18.26 9.52
N THR D 128 -27.80 -17.70 8.90
CA THR D 128 -29.16 -17.87 9.42
C THR D 128 -30.14 -18.36 8.33
N ARG D 129 -31.18 -19.09 8.72
CA ARG D 129 -32.20 -19.48 7.74
C ARG D 129 -33.52 -18.88 8.13
N ARG D 130 -33.59 -18.38 9.36
CA ARG D 130 -34.76 -17.64 9.80
C ARG D 130 -34.47 -16.14 9.66
N GLU D 131 -35.21 -15.33 10.44
CA GLU D 131 -35.01 -13.88 10.56
C GLU D 131 -33.62 -13.54 11.14
N VAL D 132 -33.03 -12.42 10.70
CA VAL D 132 -31.64 -12.02 11.03
C VAL D 132 -31.56 -11.32 12.36
N HIS D 133 -32.68 -10.67 12.67
CA HIS D 133 -32.81 -9.88 13.87
C HIS D 133 -32.67 -10.84 15.05
N THR D 134 -33.42 -11.93 14.96
CA THR D 134 -33.43 -12.89 16.01
C THR D 134 -32.03 -13.48 16.12
N TYR D 135 -31.48 -13.94 14.99
CA TYR D 135 -30.25 -14.73 15.03
C TYR D 135 -29.11 -13.92 15.59
N TYR D 136 -29.06 -12.67 15.15
CA TYR D 136 -28.09 -11.75 15.70
C TYR D 136 -28.18 -11.92 17.20
N LEU D 137 -29.33 -11.59 17.81
CA LEU D 137 -29.51 -11.56 19.30
C LEU D 137 -29.19 -12.84 20.04
N GLU D 138 -29.47 -13.98 19.42
CA GLU D 138 -29.08 -15.27 19.97
C GLU D 138 -27.58 -15.26 20.21
N LYS D 139 -26.83 -15.22 19.12
CA LYS D 139 -25.39 -15.17 19.15
C LYS D 139 -24.92 -14.15 20.19
N ALA D 140 -25.68 -13.08 20.40
CA ALA D 140 -25.22 -11.98 21.31
C ALA D 140 -25.46 -12.24 22.81
N ASN D 141 -26.40 -13.14 23.11
CA ASN D 141 -26.59 -13.64 24.47
C ASN D 141 -25.40 -14.48 24.88
N LYS D 142 -25.35 -15.71 24.34
CA LYS D 142 -24.17 -16.58 24.38
C LYS D 142 -22.92 -15.86 24.89
N ILE D 143 -22.59 -14.74 24.25
CA ILE D 143 -21.28 -14.18 24.44
C ILE D 143 -21.28 -12.86 25.21
N LYS D 144 -22.46 -12.22 25.28
CA LYS D 144 -22.59 -10.85 25.85
C LYS D 144 -21.32 -10.04 25.59
N SER D 145 -20.85 -10.14 24.34
CA SER D 145 -19.48 -9.74 23.91
C SER D 145 -19.06 -8.29 24.18
N GLU D 146 -19.88 -7.34 23.71
CA GLU D 146 -19.61 -5.90 23.82
C GLU D 146 -18.22 -5.51 23.28
N LYS D 147 -17.42 -6.50 22.84
CA LYS D 147 -16.11 -6.21 22.19
C LYS D 147 -15.75 -7.08 20.95
N THR D 148 -16.58 -8.10 20.69
CA THR D 148 -16.38 -8.97 19.52
C THR D 148 -17.43 -8.60 18.50
N HIS D 149 -16.96 -8.21 17.33
CA HIS D 149 -17.85 -7.75 16.30
C HIS D 149 -18.63 -8.94 15.71
N ILE D 150 -19.94 -8.75 15.52
CA ILE D 150 -20.78 -9.78 15.00
C ILE D 150 -21.31 -9.55 13.56
N HIS D 151 -21.10 -10.53 12.67
CA HIS D 151 -21.71 -10.52 11.34
C HIS D 151 -22.65 -11.68 11.15
N ILE D 152 -23.84 -11.36 10.67
CA ILE D 152 -24.89 -12.32 10.43
C ILE D 152 -25.33 -12.17 8.99
N PHE D 153 -25.53 -13.27 8.27
CA PHE D 153 -26.05 -13.23 6.89
C PHE D 153 -27.19 -14.22 6.75
N SER D 154 -28.29 -13.81 6.10
CA SER D 154 -29.36 -14.78 5.78
C SER D 154 -29.21 -15.26 4.37
N PHE D 155 -29.90 -16.35 4.04
CA PHE D 155 -29.86 -16.86 2.65
C PHE D 155 -30.65 -15.94 1.69
N THR D 156 -31.30 -14.93 2.28
CA THR D 156 -32.24 -14.11 1.59
C THR D 156 -31.59 -12.79 1.14
N GLY D 157 -30.27 -12.73 1.26
CA GLY D 157 -29.56 -11.45 1.04
C GLY D 157 -29.71 -10.45 2.18
N GLU D 158 -30.60 -10.71 3.14
CA GLU D 158 -30.67 -9.99 4.44
C GLU D 158 -29.38 -10.17 5.31
N GLU D 159 -29.17 -9.30 6.32
CA GLU D 159 -27.98 -9.37 7.23
C GLU D 159 -27.85 -8.20 8.25
N MET D 160 -26.86 -8.31 9.15
CA MET D 160 -26.75 -7.35 10.26
C MET D 160 -25.37 -7.37 10.99
N ALA D 161 -24.88 -6.21 11.41
CA ALA D 161 -23.68 -6.18 12.26
C ALA D 161 -23.69 -5.27 13.51
N THR D 162 -22.75 -5.56 14.39
CA THR D 162 -22.40 -4.76 15.54
C THR D 162 -22.22 -3.32 15.07
N LYS D 163 -22.97 -2.40 15.69
CA LYS D 163 -22.81 -0.96 15.49
C LYS D 163 -23.25 -0.61 14.07
N ALA D 164 -24.05 -1.48 13.48
CA ALA D 164 -24.35 -1.40 12.04
C ALA D 164 -23.09 -1.09 11.18
N ASP D 165 -21.94 -1.67 11.61
CA ASP D 165 -20.63 -1.54 10.98
C ASP D 165 -20.29 -2.80 10.20
N TYR D 166 -20.08 -2.63 8.90
CA TYR D 166 -20.05 -3.78 8.00
C TYR D 166 -18.67 -4.33 7.62
N THR D 167 -17.60 -3.79 8.19
CA THR D 167 -16.23 -4.28 7.99
C THR D 167 -15.74 -4.30 6.55
N LEU D 168 -16.37 -5.11 5.70
CA LEU D 168 -15.97 -5.24 4.30
C LEU D 168 -16.78 -4.31 3.37
N ASP D 169 -16.31 -4.22 2.13
CA ASP D 169 -17.03 -3.55 1.05
C ASP D 169 -18.14 -4.38 0.46
N GLU D 170 -19.05 -3.70 -0.23
CA GLU D 170 -20.25 -4.30 -0.76
C GLU D 170 -19.93 -5.24 -1.94
N GLU D 171 -18.86 -4.98 -2.71
CA GLU D 171 -18.48 -5.94 -3.75
C GLU D 171 -18.14 -7.29 -3.12
N SER D 172 -17.15 -7.27 -2.22
CA SER D 172 -16.70 -8.42 -1.40
C SER D 172 -17.80 -9.15 -0.57
N ARG D 173 -18.84 -8.43 -0.09
CA ARG D 173 -19.99 -9.07 0.55
C ARG D 173 -20.99 -9.64 -0.50
N ALA D 174 -20.88 -9.15 -1.73
CA ALA D 174 -21.88 -9.53 -2.75
C ALA D 174 -21.67 -10.98 -3.11
N ARG D 175 -20.40 -11.37 -3.12
CA ARG D 175 -20.03 -12.73 -3.43
C ARG D 175 -20.52 -13.69 -2.37
N ILE D 176 -20.42 -13.26 -1.11
CA ILE D 176 -20.86 -14.06 0.03
C ILE D 176 -22.33 -14.31 -0.16
N LYS D 177 -23.09 -13.25 -0.37
CA LYS D 177 -24.52 -13.37 -0.61
C LYS D 177 -24.92 -14.10 -1.90
N THR D 178 -24.21 -13.82 -2.99
CA THR D 178 -24.34 -14.57 -4.22
C THR D 178 -24.26 -16.05 -3.94
N ARG D 179 -23.15 -16.49 -3.29
CA ARG D 179 -22.98 -17.90 -2.85
C ARG D 179 -24.09 -18.42 -1.92
N LEU D 180 -24.53 -17.61 -0.95
CA LEU D 180 -25.62 -18.02 -0.06
C LEU D 180 -26.95 -18.14 -0.78
N PHE D 181 -27.09 -17.52 -1.95
CA PHE D 181 -28.25 -17.81 -2.80
C PHE D 181 -28.04 -19.08 -3.55
N THR D 182 -26.91 -19.16 -4.23
CA THR D 182 -26.43 -20.28 -5.05
C THR D 182 -26.65 -21.60 -4.32
N ILE D 183 -26.32 -21.61 -3.02
CA ILE D 183 -26.60 -22.78 -2.16
C ILE D 183 -28.09 -22.98 -1.86
N ARG D 184 -28.79 -21.91 -1.56
CA ARG D 184 -30.12 -22.00 -1.03
C ARG D 184 -31.05 -22.57 -2.07
N GLN D 185 -31.02 -22.01 -3.29
CA GLN D 185 -31.86 -22.56 -4.36
C GLN D 185 -31.36 -23.90 -4.86
N GLU D 186 -30.13 -24.29 -4.54
CA GLU D 186 -29.71 -25.68 -4.77
C GLU D 186 -30.55 -26.70 -4.03
N MET D 187 -30.85 -26.36 -2.79
CA MET D 187 -31.71 -27.13 -1.89
C MET D 187 -33.16 -27.02 -2.33
N ALA D 188 -33.53 -25.87 -2.86
CA ALA D 188 -34.88 -25.74 -3.34
C ALA D 188 -34.95 -26.62 -4.58
N SER D 189 -33.90 -26.49 -5.41
CA SER D 189 -33.69 -27.21 -6.66
C SER D 189 -34.01 -28.69 -6.51
N ARG D 190 -33.78 -29.24 -5.32
CA ARG D 190 -33.94 -30.67 -5.07
C ARG D 190 -34.76 -31.02 -3.81
N GLY D 191 -35.59 -30.07 -3.36
CA GLY D 191 -36.63 -30.33 -2.36
C GLY D 191 -36.18 -30.38 -0.91
N LEU D 192 -35.06 -29.71 -0.64
CA LEU D 192 -34.26 -29.88 0.58
C LEU D 192 -34.41 -28.69 1.49
N TRP D 193 -34.59 -27.51 0.89
CA TRP D 193 -34.54 -26.27 1.64
C TRP D 193 -35.58 -26.23 2.75
N ASP D 194 -36.80 -26.61 2.43
CA ASP D 194 -37.90 -26.50 3.37
C ASP D 194 -37.55 -26.78 4.83
N SER D 195 -37.20 -28.04 5.13
CA SER D 195 -36.97 -28.49 6.50
C SER D 195 -35.61 -28.02 7.05
N PHE D 196 -34.64 -27.88 6.16
CA PHE D 196 -33.41 -27.18 6.46
C PHE D 196 -33.76 -25.78 6.92
N ARG D 197 -34.73 -25.17 6.25
CA ARG D 197 -35.30 -23.92 6.76
C ARG D 197 -36.10 -24.13 8.06
N GLN D 198 -36.79 -25.26 8.19
CA GLN D 198 -37.71 -25.49 9.33
C GLN D 198 -37.02 -25.91 10.65
N SER D 199 -35.76 -26.36 10.56
CA SER D 199 -35.09 -27.02 11.69
C SER D 199 -34.18 -26.15 12.57
N GLU D 200 -34.14 -24.84 12.31
CA GLU D 200 -33.33 -23.94 13.12
C GLU D 200 -33.91 -23.75 14.53
N ARG D 201 -33.18 -24.27 15.51
CA ARG D 201 -33.56 -24.14 16.93
C ARG D 201 -32.50 -23.33 17.69
N GLY D 202 -32.91 -22.63 18.76
CA GLY D 202 -32.02 -21.79 19.57
C GLY D 202 -31.03 -22.57 20.43
MN MN E . 21.43 8.12 -9.62
MN MN F . 18.18 6.36 -10.19
MN MN G . 3.96 -13.13 -14.34
MN MN H . 2.93 -16.18 -16.44
MN MN I . -3.04 25.68 10.95
MN MN J . -2.84 25.77 6.96
MN MN K . -19.74 -18.19 14.25
MN MN L . -16.90 -19.89 15.75
#